data_7BN1
#
_entry.id   7BN1
#
_cell.length_a   137.533
_cell.length_b   128.932
_cell.length_c   78.100
_cell.angle_alpha   90.000
_cell.angle_beta   115.500
_cell.angle_gamma   90.000
#
_symmetry.space_group_name_H-M   'C 1 2 1'
#
loop_
_entity.id
_entity.type
_entity.pdbx_description
1 polymer 'Clathrin heavy chain 1'
2 polymer 'Protein mu-NS from Reovirus type 1'
3 non-polymer 'TETRAETHYLENE GLYCOL'
4 water water
#
loop_
_entity_poly.entity_id
_entity_poly.type
_entity_poly.pdbx_seq_one_letter_code
_entity_poly.pdbx_strand_id
1 'polypeptide(L)'
;MAQILPIRFQEHLQLQNLGINPANIGFSTLTMESDKFICIREKVGEQAQVVIIDMNDPSNPIRRPISADSAIMNPASKVI
ALKAGKTLQIFNIEMKSKMKAHTMTDDVTFWKWISLNTVALVTDNAVYHWSMEGESQPVKMFDRHSSLAGCQIINYRTDA
KQKWLLLTGISAQQNRVVGAMQLYSVDRKVSQPIEGHAASFAQFKMEGNAEESTLFCFAVRGQAGGKLHIIEVGTPPTGN
QPFPKKAVDVFFPPEAQNDFPVAMQISEKHDVVFLITKYGYIHLYDLETGTCIYMNRISGETIFVTAPHEATAGIIGVNR
KGQVLSVCVEEENIIPYITNVLQNPDLALRMAVRNNLAGAEELF
;
A,B
2 'polypeptide(L)' VDGAADLIDFSVPTDEY E,F
#
loop_
_chem_comp.id
_chem_comp.type
_chem_comp.name
_chem_comp.formula
PG4 non-polymer 'TETRAETHYLENE GLYCOL' 'C8 H18 O5'
#
# COMPACT_ATOMS: atom_id res chain seq x y z
N GLN A 3 -5.77 3.83 23.87
CA GLN A 3 -6.21 5.22 24.20
C GLN A 3 -5.72 6.23 23.13
N ILE A 4 -4.60 5.99 22.42
CA ILE A 4 -4.20 6.81 21.23
C ILE A 4 -5.00 6.35 20.01
N LEU A 5 -5.50 7.33 19.25
CA LEU A 5 -6.30 7.11 18.01
C LEU A 5 -5.52 7.67 16.82
N PRO A 6 -5.61 7.03 15.63
CA PRO A 6 -4.89 7.51 14.46
C PRO A 6 -5.58 8.72 13.77
N ILE A 7 -6.78 9.09 14.22
CA ILE A 7 -7.58 10.25 13.71
C ILE A 7 -7.94 11.21 14.85
N ARG A 8 -8.20 12.47 14.49
CA ARG A 8 -8.69 13.55 15.37
C ARG A 8 -10.05 14.04 14.86
N PHE A 9 -11.05 14.08 15.75
CA PHE A 9 -12.36 14.75 15.54
C PHE A 9 -12.26 16.21 15.97
N GLN A 10 -13.05 17.06 15.33
CA GLN A 10 -13.21 18.49 15.70
C GLN A 10 -14.63 18.91 15.36
N GLU A 11 -15.32 19.53 16.34
CA GLU A 11 -16.58 20.26 16.10
C GLU A 11 -16.23 21.70 15.76
N HIS A 12 -16.65 22.20 14.60
CA HIS A 12 -16.36 23.57 14.13
C HIS A 12 -17.54 24.47 14.42
N LEU A 13 -18.76 23.92 14.45
CA LEU A 13 -20.00 24.73 14.43
C LEU A 13 -21.19 23.87 14.80
N GLN A 14 -22.17 24.48 15.47
CA GLN A 14 -23.57 23.99 15.54
C GLN A 14 -24.43 25.03 14.81
N LEU A 15 -25.02 24.66 13.68
CA LEU A 15 -25.81 25.60 12.86
C LEU A 15 -27.05 26.06 13.65
N GLN A 16 -27.53 25.28 14.63
CA GLN A 16 -28.72 25.70 15.42
C GLN A 16 -28.32 26.88 16.31
N ASN A 17 -27.06 27.01 16.71
CA ASN A 17 -26.55 28.22 17.44
C ASN A 17 -26.52 29.47 16.54
N LEU A 18 -26.85 29.38 15.25
CA LEU A 18 -26.88 30.54 14.33
C LEU A 18 -28.31 30.78 13.86
N GLY A 19 -29.29 30.14 14.49
CA GLY A 19 -30.71 30.29 14.13
C GLY A 19 -31.05 29.59 12.82
N ILE A 20 -30.33 28.54 12.46
CA ILE A 20 -30.75 27.65 11.35
C ILE A 20 -31.81 26.70 11.93
N ASN A 21 -32.97 26.68 11.30
CA ASN A 21 -34.08 25.75 11.59
C ASN A 21 -33.67 24.36 11.12
N PRO A 22 -33.72 23.36 12.02
CA PRO A 22 -33.33 21.99 11.67
C PRO A 22 -34.06 21.39 10.45
N ALA A 23 -35.26 21.87 10.11
CA ALA A 23 -36.01 21.38 8.92
C ALA A 23 -35.28 21.72 7.61
N ASN A 24 -34.32 22.65 7.63
CA ASN A 24 -33.58 23.09 6.41
C ASN A 24 -32.16 22.52 6.40
N ILE A 25 -31.80 21.76 7.44
CA ILE A 25 -30.50 21.05 7.53
C ILE A 25 -30.72 19.66 6.93
N GLY A 26 -30.69 19.58 5.59
CA GLY A 26 -30.71 18.31 4.83
C GLY A 26 -30.09 18.43 3.45
N PHE A 27 -30.04 17.31 2.75
CA PHE A 27 -29.36 17.11 1.45
C PHE A 27 -29.77 18.21 0.44
N SER A 28 -31.05 18.52 0.32
CA SER A 28 -31.58 19.35 -0.81
C SER A 28 -31.53 20.85 -0.49
N THR A 29 -31.31 21.26 0.76
CA THR A 29 -31.42 22.68 1.22
C THR A 29 -30.09 23.22 1.79
N LEU A 30 -29.16 22.36 2.20
CA LEU A 30 -27.84 22.80 2.74
C LEU A 30 -26.74 22.27 1.83
N THR A 31 -25.90 23.14 1.29
CA THR A 31 -24.77 22.78 0.41
C THR A 31 -23.46 23.24 1.03
N MET A 32 -22.44 22.40 0.87
CA MET A 32 -21.08 22.67 1.34
C MET A 32 -20.14 22.06 0.29
N GLU A 33 -19.81 22.88 -0.69
CA GLU A 33 -19.08 22.53 -1.93
C GLU A 33 -17.57 22.53 -1.65
N SER A 34 -17.18 23.17 -0.55
CA SER A 34 -15.80 23.23 -0.02
C SER A 34 -15.88 23.59 1.46
N ASP A 35 -14.75 23.58 2.19
CA ASP A 35 -14.75 23.91 3.63
C ASP A 35 -14.89 25.42 3.87
N LYS A 36 -15.03 26.27 2.83
CA LYS A 36 -14.99 27.74 2.96
C LYS A 36 -16.37 28.31 3.28
N PHE A 37 -17.44 27.69 2.78
CA PHE A 37 -18.81 28.22 2.90
C PHE A 37 -19.81 27.08 3.07
N ILE A 38 -20.84 27.38 3.84
CA ILE A 38 -22.09 26.58 3.87
C ILE A 38 -23.22 27.50 3.41
N CYS A 39 -24.08 27.03 2.50
CA CYS A 39 -25.33 27.75 2.10
C CYS A 39 -26.55 26.95 2.53
N ILE A 40 -27.51 27.64 3.12
CA ILE A 40 -28.79 27.04 3.56
C ILE A 40 -29.93 27.85 2.94
N ARG A 41 -30.81 27.18 2.21
CA ARG A 41 -32.08 27.79 1.73
C ARG A 41 -33.14 27.64 2.83
N GLU A 42 -33.76 28.74 3.22
CA GLU A 42 -34.83 28.78 4.25
C GLU A 42 -35.97 29.65 3.72
N LYS A 43 -37.22 29.19 3.79
CA LYS A 43 -38.41 30.08 3.76
C LYS A 43 -38.60 30.67 5.15
N VAL A 44 -38.52 31.99 5.29
CA VAL A 44 -38.67 32.72 6.58
C VAL A 44 -39.84 33.71 6.39
N GLY A 45 -41.04 33.28 6.78
CA GLY A 45 -42.32 33.92 6.39
C GLY A 45 -42.70 33.44 5.00
N GLU A 46 -43.05 34.37 4.11
CA GLU A 46 -43.38 34.11 2.68
C GLU A 46 -42.07 34.01 1.86
N GLN A 47 -40.98 34.59 2.37
CA GLN A 47 -39.78 34.93 1.57
C GLN A 47 -38.72 33.82 1.68
N ALA A 48 -38.44 33.15 0.56
CA ALA A 48 -37.26 32.28 0.37
C ALA A 48 -35.99 33.12 0.57
N GLN A 49 -35.08 32.65 1.41
CA GLN A 49 -33.75 33.28 1.55
C GLN A 49 -32.68 32.21 1.35
N VAL A 50 -31.47 32.66 1.08
CA VAL A 50 -30.23 31.87 1.26
C VAL A 50 -29.46 32.48 2.43
N VAL A 51 -29.03 31.61 3.33
CA VAL A 51 -28.11 31.96 4.44
C VAL A 51 -26.71 31.51 4.03
N ILE A 52 -25.76 32.44 4.03
CA ILE A 52 -24.37 32.14 3.63
C ILE A 52 -23.49 32.25 4.86
N ILE A 53 -22.90 31.14 5.25
CA ILE A 53 -21.95 31.06 6.39
C ILE A 53 -20.53 31.05 5.81
N ASP A 54 -19.83 32.14 6.06
CA ASP A 54 -18.38 32.24 5.81
C ASP A 54 -17.71 31.48 6.94
N MET A 55 -17.05 30.35 6.65
CA MET A 55 -16.42 29.53 7.70
C MET A 55 -15.27 30.29 8.37
N ASN A 56 -14.74 31.34 7.77
CA ASN A 56 -13.73 32.22 8.43
C ASN A 56 -14.42 33.25 9.33
N ASP A 57 -15.73 33.42 9.23
CA ASP A 57 -16.46 34.42 10.05
C ASP A 57 -17.84 33.86 10.40
N PRO A 58 -17.89 32.71 11.10
CA PRO A 58 -19.09 31.89 11.14
C PRO A 58 -20.26 32.55 11.89
N SER A 59 -19.96 33.40 12.86
CA SER A 59 -20.97 34.03 13.76
C SER A 59 -21.72 35.15 13.04
N ASN A 60 -21.25 35.60 11.88
CA ASN A 60 -21.86 36.70 11.08
C ASN A 60 -22.40 36.18 9.76
N PRO A 61 -23.39 35.27 9.74
CA PRO A 61 -23.94 34.78 8.48
C PRO A 61 -24.67 35.92 7.79
N ILE A 62 -24.76 35.88 6.46
CA ILE A 62 -25.57 36.85 5.67
C ILE A 62 -26.80 36.13 5.10
N ARG A 63 -27.98 36.72 5.27
CA ARG A 63 -29.26 36.24 4.70
C ARG A 63 -29.62 37.13 3.52
N ARG A 64 -30.05 36.57 2.40
CA ARG A 64 -30.43 37.35 1.21
C ARG A 64 -31.65 36.71 0.62
N PRO A 65 -32.68 37.49 0.20
CA PRO A 65 -33.84 36.90 -0.46
C PRO A 65 -33.43 36.25 -1.79
N ILE A 66 -34.03 35.11 -2.12
CA ILE A 66 -33.80 34.37 -3.39
C ILE A 66 -35.13 33.88 -3.94
N SER A 67 -35.12 33.47 -5.20
CA SER A 67 -36.21 32.74 -5.88
C SER A 67 -35.61 31.53 -6.61
N ALA A 68 -34.49 31.03 -6.10
CA ALA A 68 -33.74 29.86 -6.62
C ALA A 68 -34.24 28.60 -5.92
N ASP A 69 -34.31 27.48 -6.64
CA ASP A 69 -34.62 26.14 -6.07
C ASP A 69 -33.34 25.48 -5.56
N SER A 70 -32.17 26.05 -5.81
CA SER A 70 -30.85 25.46 -5.45
C SER A 70 -29.79 26.56 -5.47
N ALA A 71 -28.83 26.48 -4.55
CA ALA A 71 -27.69 27.41 -4.42
C ALA A 71 -26.41 26.64 -4.10
N ILE A 72 -25.37 26.85 -4.89
CA ILE A 72 -24.07 26.20 -4.59
C ILE A 72 -22.96 27.26 -4.69
N MET A 73 -22.20 27.41 -3.62
CA MET A 73 -21.09 28.39 -3.58
C MET A 73 -19.87 27.78 -4.28
N ASN A 74 -19.17 28.58 -5.04
CA ASN A 74 -17.84 28.24 -5.59
C ASN A 74 -16.94 27.75 -4.43
N PRO A 75 -16.06 26.78 -4.69
CA PRO A 75 -15.18 26.29 -3.64
C PRO A 75 -14.26 27.33 -2.99
N ALA A 76 -13.82 28.34 -3.75
CA ALA A 76 -12.73 29.26 -3.32
C ALA A 76 -13.19 30.70 -3.14
N SER A 77 -14.27 31.12 -3.80
CA SER A 77 -14.65 32.54 -3.98
C SER A 77 -16.12 32.71 -3.63
N LYS A 78 -16.47 33.89 -3.14
CA LYS A 78 -17.86 34.28 -2.81
C LYS A 78 -18.59 34.54 -4.14
N VAL A 79 -18.65 33.49 -4.95
CA VAL A 79 -19.31 33.43 -6.28
C VAL A 79 -20.34 32.32 -6.16
N ILE A 80 -21.61 32.61 -6.41
CA ILE A 80 -22.68 31.63 -6.09
C ILE A 80 -23.38 31.24 -7.37
N ALA A 81 -23.71 29.96 -7.54
CA ALA A 81 -24.48 29.48 -8.69
C ALA A 81 -25.89 29.23 -8.19
N LEU A 82 -26.89 29.80 -8.87
CA LEU A 82 -28.31 29.75 -8.49
C LEU A 82 -29.11 29.23 -9.69
N LYS A 83 -30.16 28.45 -9.43
CA LYS A 83 -31.03 28.02 -10.53
C LYS A 83 -32.47 28.01 -10.05
N ALA A 84 -33.38 28.12 -11.01
CA ALA A 84 -34.82 27.88 -10.89
C ALA A 84 -35.24 27.16 -12.17
N GLY A 85 -35.48 25.85 -12.12
CA GLY A 85 -35.78 25.03 -13.31
C GLY A 85 -34.62 25.05 -14.29
N LYS A 86 -34.80 25.71 -15.42
CA LYS A 86 -33.84 25.70 -16.56
C LYS A 86 -32.98 26.97 -16.50
N THR A 87 -33.35 27.93 -15.67
CA THR A 87 -32.67 29.23 -15.51
C THR A 87 -31.47 29.09 -14.57
N LEU A 88 -30.24 29.20 -15.09
CA LEU A 88 -28.97 29.19 -14.29
C LEU A 88 -28.38 30.61 -14.25
N GLN A 89 -27.96 31.07 -13.08
CA GLN A 89 -27.30 32.41 -12.93
C GLN A 89 -26.09 32.24 -12.03
N ILE A 90 -25.02 32.95 -12.33
CA ILE A 90 -23.79 33.02 -11.50
C ILE A 90 -23.65 34.46 -11.02
N PHE A 91 -23.52 34.67 -9.71
CA PHE A 91 -23.32 35.99 -9.09
C PHE A 91 -22.00 36.03 -8.33
N ASN A 92 -21.26 37.12 -8.50
CA ASN A 92 -20.17 37.52 -7.59
C ASN A 92 -20.84 38.33 -6.49
N ILE A 93 -20.91 37.79 -5.29
CA ILE A 93 -21.73 38.38 -4.19
C ILE A 93 -21.13 39.73 -3.75
N GLU A 94 -19.83 39.82 -3.55
CA GLU A 94 -19.13 41.07 -3.13
C GLU A 94 -19.37 42.16 -4.20
N MET A 95 -19.40 41.80 -5.50
CA MET A 95 -19.64 42.77 -6.60
C MET A 95 -21.17 42.96 -6.82
N LYS A 96 -22.03 42.18 -6.20
CA LYS A 96 -23.50 42.28 -6.37
C LYS A 96 -23.84 42.28 -7.86
N SER A 97 -23.15 41.44 -8.63
CA SER A 97 -23.14 41.46 -10.10
C SER A 97 -23.39 40.03 -10.62
N LYS A 98 -24.26 39.94 -11.62
CA LYS A 98 -24.51 38.72 -12.42
C LYS A 98 -23.34 38.52 -13.40
N MET A 99 -22.51 37.53 -13.17
CA MET A 99 -21.35 37.28 -14.05
CA MET A 99 -21.33 37.18 -14.00
C MET A 99 -21.80 36.51 -15.30
N LYS A 100 -22.65 35.49 -15.15
CA LYS A 100 -23.07 34.59 -16.26
C LYS A 100 -24.52 34.14 -16.05
N ALA A 101 -25.17 33.80 -17.14
CA ALA A 101 -26.55 33.25 -17.14
C ALA A 101 -26.61 32.25 -18.29
N HIS A 102 -27.38 31.19 -18.09
CA HIS A 102 -27.71 30.25 -19.18
C HIS A 102 -29.10 29.68 -18.91
N THR A 103 -29.88 29.48 -19.97
CA THR A 103 -31.17 28.74 -19.91
C THR A 103 -30.97 27.35 -20.52
N MET A 104 -31.06 26.29 -19.71
CA MET A 104 -31.00 24.88 -20.19
C MET A 104 -32.29 24.54 -20.92
N THR A 105 -32.32 23.46 -21.69
CA THR A 105 -33.55 22.90 -22.29
C THR A 105 -34.04 21.70 -21.48
N ASP A 106 -33.32 21.31 -20.40
CA ASP A 106 -33.80 20.30 -19.40
C ASP A 106 -33.65 20.84 -17.99
N ASP A 107 -34.51 20.44 -17.05
CA ASP A 107 -34.32 20.75 -15.62
C ASP A 107 -33.01 20.12 -15.14
N VAL A 108 -32.27 20.84 -14.32
CA VAL A 108 -31.02 20.31 -13.73
C VAL A 108 -31.41 19.71 -12.37
N THR A 109 -31.30 18.39 -12.25
CA THR A 109 -31.75 17.63 -11.07
C THR A 109 -30.62 17.55 -10.05
N PHE A 110 -29.36 17.65 -10.50
CA PHE A 110 -28.18 17.72 -9.60
C PHE A 110 -27.12 18.62 -10.22
N TRP A 111 -26.46 19.43 -9.39
CA TRP A 111 -25.26 20.16 -9.83
C TRP A 111 -24.30 20.40 -8.68
N LYS A 112 -23.05 20.66 -9.02
CA LYS A 112 -21.97 20.95 -8.07
C LYS A 112 -20.77 21.50 -8.81
N TRP A 113 -19.92 22.18 -8.09
CA TRP A 113 -18.60 22.63 -8.57
C TRP A 113 -17.67 21.43 -8.57
N ILE A 114 -16.99 21.21 -9.70
CA ILE A 114 -16.00 20.10 -9.79
C ILE A 114 -14.60 20.66 -9.75
N SER A 115 -14.44 21.98 -9.68
CA SER A 115 -13.14 22.68 -9.72
C SER A 115 -13.35 24.14 -9.30
N LEU A 116 -12.28 24.91 -9.22
CA LEU A 116 -12.30 26.35 -8.91
C LEU A 116 -13.16 27.07 -9.96
N ASN A 117 -13.28 26.54 -11.17
CA ASN A 117 -13.85 27.34 -12.26
C ASN A 117 -14.91 26.56 -13.05
N THR A 118 -15.28 25.34 -12.66
CA THR A 118 -16.24 24.55 -13.46
C THR A 118 -17.41 24.02 -12.62
N VAL A 119 -18.64 24.17 -13.16
CA VAL A 119 -19.90 23.64 -12.59
C VAL A 119 -20.29 22.44 -13.44
N ALA A 120 -20.63 21.32 -12.81
CA ALA A 120 -21.19 20.12 -13.47
C ALA A 120 -22.70 20.15 -13.31
N LEU A 121 -23.41 19.92 -14.39
CA LEU A 121 -24.89 19.89 -14.42
C LEU A 121 -25.34 18.48 -14.83
N VAL A 122 -26.24 17.89 -14.04
CA VAL A 122 -26.87 16.59 -14.37
C VAL A 122 -28.37 16.84 -14.61
N THR A 123 -28.85 16.44 -15.78
CA THR A 123 -30.28 16.47 -16.15
C THR A 123 -30.79 15.03 -16.04
N ASP A 124 -32.04 14.81 -16.42
CA ASP A 124 -32.59 13.42 -16.48
CA ASP A 124 -32.59 13.42 -16.46
C ASP A 124 -31.75 12.56 -17.43
N ASN A 125 -31.11 13.15 -18.47
CA ASN A 125 -30.51 12.26 -19.52
C ASN A 125 -29.05 12.56 -19.83
N ALA A 126 -28.38 13.53 -19.20
CA ALA A 126 -27.01 13.88 -19.62
C ALA A 126 -26.24 14.63 -18.55
N VAL A 127 -24.95 14.72 -18.75
CA VAL A 127 -24.05 15.45 -17.83
C VAL A 127 -23.32 16.53 -18.60
N TYR A 128 -23.26 17.74 -18.04
CA TYR A 128 -22.62 18.92 -18.67
C TYR A 128 -21.56 19.50 -17.75
N HIS A 129 -20.55 20.11 -18.36
CA HIS A 129 -19.55 20.96 -17.69
C HIS A 129 -19.76 22.40 -18.20
N TRP A 130 -19.77 23.35 -17.26
CA TRP A 130 -19.91 24.78 -17.57
C TRP A 130 -18.72 25.49 -16.93
N SER A 131 -17.76 25.89 -17.77
CA SER A 131 -16.59 26.69 -17.37
C SER A 131 -17.04 28.12 -17.08
N MET A 132 -16.42 28.75 -16.09
CA MET A 132 -16.70 30.17 -15.78
C MET A 132 -15.80 31.10 -16.62
N GLU A 133 -14.88 30.56 -17.43
CA GLU A 133 -13.97 31.38 -18.28
C GLU A 133 -14.80 32.09 -19.35
N GLY A 134 -14.59 33.38 -19.55
CA GLY A 134 -15.11 34.10 -20.72
C GLY A 134 -16.60 33.89 -20.89
N GLU A 135 -17.01 33.60 -22.14
CA GLU A 135 -18.45 33.43 -22.51
C GLU A 135 -18.81 31.96 -22.68
N SER A 136 -18.07 31.03 -22.07
CA SER A 136 -18.35 29.57 -22.14
C SER A 136 -19.80 29.30 -21.75
N GLN A 137 -20.49 28.46 -22.51
CA GLN A 137 -21.81 27.92 -22.12
C GLN A 137 -21.62 26.45 -21.75
N PRO A 138 -22.63 25.80 -21.12
CA PRO A 138 -22.52 24.39 -20.77
C PRO A 138 -22.24 23.52 -22.01
N VAL A 139 -21.35 22.55 -21.84
CA VAL A 139 -20.96 21.57 -22.88
C VAL A 139 -21.35 20.17 -22.38
N LYS A 140 -22.02 19.40 -23.23
CA LYS A 140 -22.38 18.02 -22.90
C LYS A 140 -21.11 17.15 -22.84
N MET A 141 -20.95 16.45 -21.72
CA MET A 141 -19.81 15.52 -21.53
C MET A 141 -20.22 14.10 -21.97
N PHE A 142 -21.36 13.60 -21.51
CA PHE A 142 -21.87 12.27 -21.91
C PHE A 142 -23.38 12.19 -21.68
N ASP A 143 -23.98 11.15 -22.28
CA ASP A 143 -25.38 10.73 -22.05
C ASP A 143 -25.40 9.78 -20.86
N ARG A 144 -26.39 9.95 -20.00
CA ARG A 144 -26.57 9.09 -18.82
C ARG A 144 -26.84 7.66 -19.28
N HIS A 145 -26.26 6.69 -18.59
CA HIS A 145 -26.49 5.24 -18.84
C HIS A 145 -27.85 4.84 -18.25
N SER A 146 -28.55 3.90 -18.90
CA SER A 146 -29.90 3.41 -18.52
C SER A 146 -29.87 2.80 -17.13
N SER A 147 -28.72 2.32 -16.66
CA SER A 147 -28.58 1.72 -15.30
C SER A 147 -28.82 2.78 -14.22
N LEU A 148 -28.73 4.08 -14.53
CA LEU A 148 -29.01 5.15 -13.50
C LEU A 148 -30.43 5.71 -13.68
N ALA A 149 -31.21 5.17 -14.60
CA ALA A 149 -32.57 5.72 -14.90
C ALA A 149 -33.42 5.63 -13.63
N GLY A 150 -34.04 6.70 -13.17
CA GLY A 150 -34.87 6.65 -11.96
C GLY A 150 -34.07 6.46 -10.67
N CYS A 151 -32.76 6.71 -10.67
CA CYS A 151 -32.01 6.83 -9.39
C CYS A 151 -32.16 8.26 -8.87
N GLN A 152 -32.04 8.45 -7.55
CA GLN A 152 -31.65 9.73 -6.94
C GLN A 152 -30.15 9.93 -7.22
N ILE A 153 -29.80 10.93 -8.02
CA ILE A 153 -28.37 11.32 -8.21
C ILE A 153 -27.88 11.92 -6.89
N ILE A 154 -26.79 11.39 -6.32
CA ILE A 154 -26.25 11.85 -5.02
C ILE A 154 -24.83 12.43 -5.19
N ASN A 155 -24.14 12.16 -6.29
CA ASN A 155 -22.78 12.73 -6.43
C ASN A 155 -22.31 12.62 -7.87
N TYR A 156 -21.25 13.38 -8.18
CA TYR A 156 -20.54 13.42 -9.46
C TYR A 156 -19.11 13.78 -9.14
N ARG A 157 -18.10 13.04 -9.65
CA ARG A 157 -16.67 13.33 -9.37
C ARG A 157 -15.85 13.13 -10.64
N THR A 158 -14.68 13.75 -10.66
CA THR A 158 -13.77 13.66 -11.81
C THR A 158 -12.34 13.56 -11.28
N ASP A 159 -11.44 13.09 -12.14
CA ASP A 159 -9.99 13.17 -11.86
C ASP A 159 -9.62 14.64 -12.04
N ALA A 160 -8.39 14.99 -11.69
CA ALA A 160 -7.84 16.35 -11.74
C ALA A 160 -8.01 16.89 -13.15
N LYS A 161 -7.70 16.10 -14.18
CA LYS A 161 -7.65 16.59 -15.58
C LYS A 161 -9.03 16.51 -16.25
N GLN A 162 -10.05 16.05 -15.55
CA GLN A 162 -11.44 15.98 -16.07
C GLN A 162 -11.47 15.08 -17.33
N LYS A 163 -10.75 13.97 -17.28
CA LYS A 163 -10.74 12.93 -18.36
C LYS A 163 -11.51 11.69 -17.92
N TRP A 164 -11.76 11.56 -16.62
CA TRP A 164 -12.50 10.44 -16.00
C TRP A 164 -13.60 11.04 -15.13
N LEU A 165 -14.84 10.68 -15.44
CA LEU A 165 -16.06 11.32 -14.90
C LEU A 165 -16.88 10.20 -14.27
N LEU A 166 -17.42 10.41 -13.07
CA LEU A 166 -18.19 9.39 -12.35
C LEU A 166 -19.46 9.97 -11.75
N LEU A 167 -20.60 9.49 -12.25
CA LEU A 167 -21.94 9.90 -11.81
C LEU A 167 -22.47 8.80 -10.91
N THR A 168 -23.03 9.16 -9.76
CA THR A 168 -23.52 8.16 -8.78
C THR A 168 -24.99 8.40 -8.44
N GLY A 169 -25.78 7.35 -8.64
CA GLY A 169 -27.21 7.27 -8.28
C GLY A 169 -27.47 6.15 -7.29
N ILE A 170 -28.53 6.31 -6.50
CA ILE A 170 -29.03 5.23 -5.60
C ILE A 170 -30.53 5.03 -5.83
N SER A 171 -31.02 3.84 -5.49
CA SER A 171 -32.44 3.46 -5.52
C SER A 171 -32.69 2.33 -4.51
N ALA A 172 -33.96 2.07 -4.22
CA ALA A 172 -34.43 0.90 -3.43
C ALA A 172 -34.59 -0.29 -4.36
N GLN A 173 -33.81 -1.36 -4.20
CA GLN A 173 -33.97 -2.62 -4.96
CA GLN A 173 -33.97 -2.62 -4.96
C GLN A 173 -33.90 -3.78 -3.96
N GLN A 174 -34.96 -4.60 -3.91
CA GLN A 174 -35.03 -5.77 -3.02
C GLN A 174 -34.80 -5.26 -1.60
N ASN A 175 -35.36 -4.09 -1.29
CA ASN A 175 -35.35 -3.50 0.06
C ASN A 175 -33.94 -3.25 0.59
N ARG A 176 -32.98 -2.90 -0.25
CA ARG A 176 -31.78 -2.16 0.21
C ARG A 176 -31.49 -1.00 -0.75
N VAL A 177 -30.62 -0.09 -0.30
CA VAL A 177 -30.14 1.07 -1.09
C VAL A 177 -29.02 0.54 -2.00
N VAL A 178 -29.29 0.45 -3.29
CA VAL A 178 -28.33 -0.03 -4.32
C VAL A 178 -27.71 1.19 -5.02
N GLY A 179 -26.38 1.23 -5.10
CA GLY A 179 -25.64 2.26 -5.83
C GLY A 179 -25.40 1.87 -7.27
N ALA A 180 -25.72 2.78 -8.19
CA ALA A 180 -25.43 2.64 -9.64
C ALA A 180 -24.51 3.80 -10.03
N MET A 181 -23.29 3.48 -10.43
CA MET A 181 -22.31 4.47 -10.91
C MET A 181 -22.15 4.33 -12.42
N GLN A 182 -21.82 5.44 -13.08
CA GLN A 182 -21.44 5.48 -14.51
C GLN A 182 -20.07 6.12 -14.56
N LEU A 183 -19.05 5.38 -14.97
CA LEU A 183 -17.68 5.90 -15.19
C LEU A 183 -17.54 6.17 -16.68
N TYR A 184 -17.22 7.39 -17.05
CA TYR A 184 -17.07 7.81 -18.46
C TYR A 184 -15.61 8.18 -18.74
N SER A 185 -15.05 7.63 -19.82
CA SER A 185 -13.75 8.05 -20.42
C SER A 185 -14.01 9.15 -21.44
N VAL A 186 -13.50 10.35 -21.18
CA VAL A 186 -13.62 11.51 -22.12
C VAL A 186 -12.81 11.15 -23.39
N ASP A 187 -11.63 10.56 -23.24
CA ASP A 187 -10.73 10.27 -24.39
C ASP A 187 -11.30 9.11 -25.22
N ARG A 188 -11.92 8.10 -24.63
CA ARG A 188 -12.34 6.89 -25.38
C ARG A 188 -13.84 6.94 -25.69
N LYS A 189 -14.57 7.88 -25.10
CA LYS A 189 -16.03 8.05 -25.31
C LYS A 189 -16.75 6.73 -25.01
N VAL A 190 -16.40 6.07 -23.89
CA VAL A 190 -17.11 4.85 -23.42
C VAL A 190 -17.51 5.04 -21.96
N SER A 191 -18.70 4.56 -21.64
CA SER A 191 -19.28 4.49 -20.28
C SER A 191 -19.19 3.05 -19.77
N GLN A 192 -18.89 2.90 -18.49
CA GLN A 192 -18.88 1.61 -17.78
C GLN A 192 -19.81 1.72 -16.58
N PRO A 193 -20.93 0.95 -16.55
CA PRO A 193 -21.77 0.93 -15.36
C PRO A 193 -21.05 0.09 -14.31
N ILE A 194 -21.06 0.55 -13.07
CA ILE A 194 -20.39 -0.09 -11.91
C ILE A 194 -21.35 0.00 -10.73
N GLU A 195 -21.51 -1.09 -9.98
CA GLU A 195 -22.25 -1.01 -8.69
C GLU A 195 -21.33 -0.33 -7.67
N GLY A 196 -21.79 0.75 -7.06
CA GLY A 196 -20.94 1.56 -6.15
C GLY A 196 -21.78 2.56 -5.36
N HIS A 197 -21.32 2.90 -4.17
CA HIS A 197 -22.04 3.80 -3.24
CA HIS A 197 -22.04 3.80 -3.24
C HIS A 197 -21.31 5.15 -3.13
N ALA A 198 -19.99 5.13 -3.05
CA ALA A 198 -19.18 6.35 -2.89
C ALA A 198 -17.82 6.16 -3.55
N ALA A 199 -17.28 7.24 -4.09
CA ALA A 199 -16.05 7.21 -4.89
C ALA A 199 -15.31 8.52 -4.75
N SER A 200 -14.05 8.50 -5.11
CA SER A 200 -13.17 9.67 -5.30
C SER A 200 -12.07 9.27 -6.29
N PHE A 201 -11.52 10.24 -7.00
CA PHE A 201 -10.29 10.04 -7.80
C PHE A 201 -9.16 10.50 -6.91
N ALA A 202 -7.93 10.19 -7.26
CA ALA A 202 -6.73 10.67 -6.55
C ALA A 202 -5.51 10.56 -7.47
N GLN A 203 -4.55 11.42 -7.21
CA GLN A 203 -3.23 11.43 -7.85
C GLN A 203 -2.29 10.75 -6.84
N PHE A 204 -1.52 9.79 -7.30
CA PHE A 204 -0.56 9.04 -6.44
C PHE A 204 0.69 8.76 -7.26
N LYS A 205 1.84 9.20 -6.78
CA LYS A 205 3.13 8.86 -7.42
C LYS A 205 3.79 7.68 -6.69
N MET A 206 3.80 6.53 -7.37
CA MET A 206 4.57 5.31 -6.97
C MET A 206 6.07 5.64 -6.94
N GLU A 207 6.79 5.21 -5.89
CA GLU A 207 8.28 5.28 -5.87
C GLU A 207 8.81 4.55 -7.12
N GLY A 208 9.85 5.08 -7.77
CA GLY A 208 10.34 4.57 -9.05
C GLY A 208 9.50 5.00 -10.25
N ASN A 209 8.47 5.82 -10.06
CA ASN A 209 7.71 6.45 -11.18
C ASN A 209 8.06 7.94 -11.24
N ALA A 210 8.36 8.43 -12.46
CA ALA A 210 8.56 9.88 -12.76
C ALA A 210 7.22 10.62 -12.66
N GLU A 211 6.13 10.02 -13.15
CA GLU A 211 4.78 10.63 -13.27
C GLU A 211 3.83 10.03 -12.25
N GLU A 212 2.93 10.89 -11.76
CA GLU A 212 1.76 10.51 -10.93
C GLU A 212 0.90 9.54 -11.72
N SER A 213 0.27 8.61 -11.00
CA SER A 213 -0.81 7.71 -11.50
C SER A 213 -2.15 8.37 -11.16
N THR A 214 -3.15 8.18 -11.99
CA THR A 214 -4.54 8.61 -11.70
C THR A 214 -5.31 7.40 -11.19
N LEU A 215 -5.72 7.49 -9.93
CA LEU A 215 -6.44 6.39 -9.24
C LEU A 215 -7.93 6.75 -9.12
N PHE A 216 -8.73 5.74 -9.29
CA PHE A 216 -10.19 5.71 -9.09
C PHE A 216 -10.44 4.84 -7.87
N CYS A 217 -10.97 5.41 -6.78
CA CYS A 217 -11.33 4.63 -5.59
C CYS A 217 -12.85 4.65 -5.41
N PHE A 218 -13.48 3.48 -5.27
CA PHE A 218 -14.90 3.40 -4.86
C PHE A 218 -15.15 2.30 -3.85
N ALA A 219 -16.18 2.53 -3.04
CA ALA A 219 -16.70 1.65 -1.99
C ALA A 219 -18.13 1.29 -2.35
N VAL A 220 -18.51 0.05 -2.06
CA VAL A 220 -19.83 -0.54 -2.42
C VAL A 220 -20.22 -1.48 -1.30
N ARG A 221 -21.49 -1.51 -0.95
CA ARG A 221 -22.10 -2.68 -0.28
C ARG A 221 -22.92 -3.40 -1.33
N GLY A 222 -22.38 -4.49 -1.88
CA GLY A 222 -23.07 -5.35 -2.85
C GLY A 222 -23.72 -6.52 -2.14
N GLN A 223 -24.06 -7.57 -2.90
CA GLN A 223 -24.52 -8.88 -2.35
C GLN A 223 -23.30 -9.55 -1.70
N ALA A 224 -22.15 -9.55 -2.39
CA ALA A 224 -20.81 -9.95 -1.89
C ALA A 224 -20.50 -9.31 -0.53
N GLY A 225 -21.15 -8.18 -0.22
CA GLY A 225 -20.89 -7.36 0.98
C GLY A 225 -20.03 -6.15 0.64
N GLY A 226 -19.41 -5.57 1.68
CA GLY A 226 -18.62 -4.33 1.58
C GLY A 226 -17.30 -4.57 0.87
N LYS A 227 -17.03 -3.83 -0.22
CA LYS A 227 -15.72 -3.81 -0.93
C LYS A 227 -15.25 -2.37 -1.20
N LEU A 228 -13.96 -2.14 -1.08
CA LEU A 228 -13.30 -0.93 -1.57
C LEU A 228 -12.29 -1.35 -2.63
N HIS A 229 -12.25 -0.60 -3.73
CA HIS A 229 -11.42 -0.83 -4.94
C HIS A 229 -10.57 0.40 -5.18
N ILE A 230 -9.31 0.18 -5.55
CA ILE A 230 -8.38 1.27 -5.92
C ILE A 230 -7.74 0.83 -7.24
N ILE A 231 -8.02 1.56 -8.32
CA ILE A 231 -7.70 1.13 -9.71
C ILE A 231 -7.10 2.34 -10.43
N GLU A 232 -6.00 2.12 -11.15
CA GLU A 232 -5.47 3.10 -12.12
C GLU A 232 -6.45 3.18 -13.29
N VAL A 233 -6.83 4.40 -13.69
CA VAL A 233 -7.66 4.63 -14.90
C VAL A 233 -6.76 5.29 -15.93
N GLY A 234 -6.94 4.95 -17.20
CA GLY A 234 -6.06 5.42 -18.28
C GLY A 234 -4.79 4.60 -18.35
N THR A 235 -4.14 4.61 -19.52
CA THR A 235 -2.84 3.97 -19.78
C THR A 235 -1.80 4.73 -18.95
N PRO A 236 -0.95 4.05 -18.16
CA PRO A 236 0.05 4.76 -17.39
C PRO A 236 0.84 5.73 -18.27
N PRO A 237 1.23 6.91 -17.74
CA PRO A 237 2.19 7.76 -18.44
C PRO A 237 3.35 6.88 -18.93
N THR A 238 3.92 7.11 -20.11
CA THR A 238 4.97 6.19 -20.64
C THR A 238 6.18 6.30 -19.69
N GLY A 239 6.88 5.20 -19.46
CA GLY A 239 7.96 5.13 -18.47
C GLY A 239 7.47 4.65 -17.11
N ASN A 240 6.21 4.92 -16.75
CA ASN A 240 5.63 4.60 -15.42
C ASN A 240 5.38 3.11 -15.31
N GLN A 241 5.64 2.51 -14.14
CA GLN A 241 5.06 1.18 -13.80
C GLN A 241 3.56 1.36 -13.56
N PRO A 242 2.71 0.40 -13.97
CA PRO A 242 1.28 0.46 -13.68
C PRO A 242 1.04 0.32 -12.17
N PHE A 243 0.01 0.97 -11.66
CA PHE A 243 -0.42 0.79 -10.26
C PHE A 243 -1.24 -0.48 -10.18
N PRO A 244 -0.83 -1.48 -9.37
CA PRO A 244 -1.58 -2.72 -9.23
C PRO A 244 -2.92 -2.50 -8.50
N LYS A 245 -4.00 -3.03 -9.03
CA LYS A 245 -5.36 -2.79 -8.48
C LYS A 245 -5.45 -3.41 -7.09
N LYS A 246 -6.12 -2.74 -6.17
CA LYS A 246 -6.37 -3.26 -4.81
C LYS A 246 -7.87 -3.45 -4.69
N ALA A 247 -8.28 -4.54 -4.04
CA ALA A 247 -9.63 -4.82 -3.52
C ALA A 247 -9.50 -5.26 -2.06
N VAL A 248 -10.31 -4.69 -1.17
CA VAL A 248 -10.33 -5.04 0.27
C VAL A 248 -11.79 -4.98 0.74
N ASP A 249 -12.06 -5.62 1.86
CA ASP A 249 -13.41 -5.70 2.43
C ASP A 249 -13.71 -4.38 3.13
N VAL A 250 -14.96 -4.00 3.13
CA VAL A 250 -15.45 -2.92 4.01
C VAL A 250 -16.36 -3.60 5.03
N PHE A 251 -15.96 -3.64 6.29
CA PHE A 251 -16.73 -4.33 7.36
C PHE A 251 -17.97 -3.49 7.72
N PHE A 252 -19.12 -4.17 7.81
CA PHE A 252 -20.34 -3.68 8.51
C PHE A 252 -20.65 -4.63 9.67
N PRO A 253 -20.83 -4.12 10.91
CA PRO A 253 -21.22 -4.99 12.03
C PRO A 253 -22.65 -5.51 11.84
N PRO A 254 -23.05 -6.57 12.59
CA PRO A 254 -24.35 -7.23 12.37
C PRO A 254 -25.56 -6.33 12.61
N GLU A 255 -25.42 -5.36 13.54
CA GLU A 255 -26.46 -4.37 13.90
C GLU A 255 -26.53 -3.22 12.87
N ALA A 256 -25.67 -3.20 11.85
CA ALA A 256 -25.62 -2.18 10.77
C ALA A 256 -25.88 -2.88 9.44
N GLN A 257 -26.80 -3.84 9.47
CA GLN A 257 -27.19 -4.67 8.29
C GLN A 257 -27.79 -3.75 7.19
N ASN A 258 -28.27 -2.55 7.53
CA ASN A 258 -28.92 -1.64 6.55
C ASN A 258 -27.99 -0.46 6.21
N ASP A 259 -26.76 -0.48 6.72
CA ASP A 259 -25.79 0.61 6.50
C ASP A 259 -25.09 0.43 5.15
N PHE A 260 -24.50 1.51 4.63
CA PHE A 260 -23.79 1.54 3.33
C PHE A 260 -22.93 2.80 3.26
N PRO A 261 -21.89 2.84 2.40
CA PRO A 261 -21.02 4.01 2.27
C PRO A 261 -21.80 5.19 1.64
N VAL A 262 -21.50 6.42 2.08
CA VAL A 262 -22.16 7.65 1.57
C VAL A 262 -21.14 8.70 1.19
N ALA A 263 -19.92 8.69 1.70
CA ALA A 263 -18.94 9.73 1.33
C ALA A 263 -17.51 9.20 1.38
N MET A 264 -16.71 9.72 0.47
CA MET A 264 -15.29 9.43 0.41
C MET A 264 -14.54 10.71 0.10
N GLN A 265 -13.49 10.98 0.88
CA GLN A 265 -12.46 12.00 0.52
C GLN A 265 -11.11 11.30 0.66
N ILE A 266 -10.16 11.66 -0.19
CA ILE A 266 -8.80 11.10 -0.13
C ILE A 266 -7.85 12.24 0.26
N SER A 267 -7.00 12.04 1.27
CA SER A 267 -5.90 12.98 1.62
C SER A 267 -4.74 12.71 0.68
N GLU A 268 -4.30 13.69 -0.12
CA GLU A 268 -3.08 13.48 -0.92
C GLU A 268 -1.86 13.86 -0.08
N LYS A 269 -2.05 14.53 1.06
CA LYS A 269 -0.92 14.75 1.98
C LYS A 269 -0.51 13.42 2.63
N HIS A 270 -1.48 12.61 3.02
CA HIS A 270 -1.24 11.38 3.84
C HIS A 270 -1.47 10.13 3.00
N ASP A 271 -2.03 10.27 1.78
CA ASP A 271 -2.34 9.11 0.92
C ASP A 271 -3.23 8.15 1.74
N VAL A 272 -4.29 8.70 2.35
CA VAL A 272 -5.32 7.85 3.01
C VAL A 272 -6.69 8.15 2.43
N VAL A 273 -7.58 7.16 2.55
CA VAL A 273 -8.98 7.24 2.11
C VAL A 273 -9.86 7.30 3.35
N PHE A 274 -10.65 8.36 3.48
CA PHE A 274 -11.72 8.52 4.50
C PHE A 274 -13.03 8.05 3.87
N LEU A 275 -13.67 7.06 4.48
CA LEU A 275 -14.99 6.57 4.08
C LEU A 275 -15.96 6.79 5.23
N ILE A 276 -17.13 7.34 4.94
CA ILE A 276 -18.19 7.57 5.96
C ILE A 276 -19.42 6.80 5.51
N THR A 277 -20.07 6.12 6.42
CA THR A 277 -21.29 5.34 6.14
C THR A 277 -22.52 6.19 6.47
N LYS A 278 -23.63 5.83 5.86
CA LYS A 278 -24.95 6.46 6.08
C LYS A 278 -25.19 6.62 7.58
N TYR A 279 -24.90 5.60 8.38
CA TYR A 279 -25.36 5.54 9.79
C TYR A 279 -24.18 5.75 10.75
N GLY A 280 -23.19 6.56 10.36
CA GLY A 280 -22.32 7.24 11.33
C GLY A 280 -20.98 6.54 11.59
N TYR A 281 -20.57 5.56 10.78
CA TYR A 281 -19.23 4.94 10.93
C TYR A 281 -18.23 5.66 10.03
N ILE A 282 -17.02 5.81 10.55
CA ILE A 282 -15.83 6.36 9.84
C ILE A 282 -14.84 5.21 9.61
N HIS A 283 -14.26 5.11 8.42
CA HIS A 283 -13.16 4.17 8.10
C HIS A 283 -11.99 4.93 7.48
N LEU A 284 -10.78 4.48 7.73
CA LEU A 284 -9.53 5.05 7.17
C LEU A 284 -8.80 3.91 6.48
N TYR A 285 -8.47 4.07 5.20
CA TYR A 285 -7.73 3.08 4.40
C TYR A 285 -6.47 3.71 3.82
N ASP A 286 -5.43 2.90 3.67
CA ASP A 286 -4.19 3.30 2.98
C ASP A 286 -4.54 3.32 1.50
N LEU A 287 -4.23 4.41 0.80
CA LEU A 287 -4.54 4.58 -0.65
C LEU A 287 -3.69 3.60 -1.47
N GLU A 288 -2.45 3.35 -1.02
CA GLU A 288 -1.45 2.54 -1.78
C GLU A 288 -1.88 1.07 -1.78
N THR A 289 -2.24 0.52 -0.62
CA THR A 289 -2.49 -0.94 -0.44
C THR A 289 -3.96 -1.23 -0.19
N GLY A 290 -4.75 -0.26 0.24
CA GLY A 290 -6.14 -0.49 0.65
C GLY A 290 -6.26 -1.02 2.06
N THR A 291 -5.16 -1.13 2.80
CA THR A 291 -5.19 -1.71 4.17
C THR A 291 -6.12 -0.84 5.02
N CYS A 292 -7.15 -1.43 5.64
CA CYS A 292 -7.96 -0.76 6.69
C CYS A 292 -7.07 -0.39 7.86
N ILE A 293 -7.01 0.90 8.19
CA ILE A 293 -6.16 1.43 9.29
C ILE A 293 -7.00 1.55 10.56
N TYR A 294 -8.27 1.87 10.43
CA TYR A 294 -9.10 2.29 11.58
C TYR A 294 -10.56 2.35 11.15
N MET A 295 -11.42 2.04 12.11
CA MET A 295 -12.89 2.08 12.02
C MET A 295 -13.45 2.52 13.37
N ASN A 296 -14.58 3.21 13.36
CA ASN A 296 -15.26 3.64 14.59
C ASN A 296 -16.59 4.30 14.22
N ARG A 297 -17.50 4.37 15.19
CA ARG A 297 -18.75 5.14 15.13
C ARG A 297 -18.42 6.57 15.51
N ILE A 298 -18.76 7.52 14.65
CA ILE A 298 -18.92 8.94 15.03
C ILE A 298 -20.22 9.01 15.83
N SER A 299 -21.35 8.74 15.16
CA SER A 299 -22.73 9.04 15.61
C SER A 299 -23.71 7.93 15.18
N GLY A 300 -24.94 8.01 15.68
CA GLY A 300 -26.11 7.41 15.03
C GLY A 300 -26.52 8.25 13.83
N GLU A 301 -26.14 9.54 13.85
CA GLU A 301 -26.50 10.64 12.90
C GLU A 301 -25.85 10.48 11.51
N THR A 302 -26.67 10.59 10.46
CA THR A 302 -26.21 10.69 9.04
C THR A 302 -25.54 12.06 8.77
N ILE A 303 -24.25 12.01 8.37
CA ILE A 303 -23.48 13.13 7.74
C ILE A 303 -23.79 13.10 6.25
N PHE A 304 -24.52 14.11 5.75
CA PHE A 304 -25.24 14.03 4.45
C PHE A 304 -24.49 14.82 3.37
N VAL A 305 -23.45 15.53 3.76
CA VAL A 305 -22.62 16.32 2.82
C VAL A 305 -21.23 16.40 3.42
N THR A 306 -20.20 16.20 2.59
CA THR A 306 -18.79 16.35 2.96
C THR A 306 -17.99 17.07 1.87
N ALA A 307 -16.83 17.58 2.26
CA ALA A 307 -15.82 18.23 1.42
C ALA A 307 -14.46 17.91 2.01
N PRO A 308 -13.39 18.11 1.23
CA PRO A 308 -12.04 18.11 1.77
C PRO A 308 -11.95 19.19 2.86
N HIS A 309 -11.21 18.90 3.93
CA HIS A 309 -10.81 19.89 4.96
C HIS A 309 -9.36 20.26 4.67
N GLU A 310 -9.17 21.37 3.97
CA GLU A 310 -7.85 21.81 3.43
C GLU A 310 -6.80 21.86 4.55
N ALA A 311 -7.13 22.45 5.69
CA ALA A 311 -6.19 22.73 6.81
C ALA A 311 -5.52 21.44 7.31
N THR A 312 -6.30 20.35 7.47
CA THR A 312 -5.88 19.06 8.09
C THR A 312 -5.70 17.99 7.01
N ALA A 313 -5.87 18.32 5.74
CA ALA A 313 -5.91 17.31 4.64
C ALA A 313 -6.88 16.20 5.04
N GLY A 314 -8.04 16.56 5.61
CA GLY A 314 -9.06 15.63 6.13
C GLY A 314 -10.38 15.77 5.41
N ILE A 315 -11.47 15.53 6.13
CA ILE A 315 -12.84 15.52 5.57
C ILE A 315 -13.69 16.31 6.55
N ILE A 316 -14.57 17.16 6.03
CA ILE A 316 -15.51 17.95 6.84
C ILE A 316 -16.91 17.64 6.35
N GLY A 317 -17.87 17.68 7.26
CA GLY A 317 -19.25 17.34 6.93
C GLY A 317 -20.22 18.01 7.88
N VAL A 318 -21.48 17.91 7.53
CA VAL A 318 -22.62 18.40 8.34
C VAL A 318 -23.56 17.22 8.54
N ASN A 319 -24.05 17.01 9.76
CA ASN A 319 -25.10 16.02 10.05
C ASN A 319 -26.46 16.72 10.21
N ARG A 320 -27.53 15.95 10.35
CA ARG A 320 -28.93 16.42 10.35
C ARG A 320 -29.19 17.30 11.59
N LYS A 321 -28.38 17.19 12.64
CA LYS A 321 -28.44 18.07 13.84
C LYS A 321 -27.87 19.46 13.54
N GLY A 322 -27.03 19.59 12.52
CA GLY A 322 -26.36 20.86 12.18
C GLY A 322 -24.98 20.96 12.80
N GLN A 323 -24.43 19.85 13.27
CA GLN A 323 -23.02 19.81 13.74
C GLN A 323 -22.10 19.81 12.50
N VAL A 324 -21.17 20.74 12.47
CA VAL A 324 -20.14 20.79 11.41
C VAL A 324 -18.89 20.16 12.02
N LEU A 325 -18.52 19.01 11.49
CA LEU A 325 -17.53 18.10 12.10
C LEU A 325 -16.48 17.73 11.04
N SER A 326 -15.21 17.74 11.44
CA SER A 326 -14.07 17.32 10.60
C SER A 326 -13.36 16.14 11.26
N VAL A 327 -12.77 15.30 10.42
CA VAL A 327 -11.92 14.15 10.79
C VAL A 327 -10.66 14.26 9.96
N CYS A 328 -9.51 14.13 10.59
CA CYS A 328 -8.22 14.09 9.88
C CYS A 328 -7.33 13.06 10.55
N VAL A 329 -6.22 12.75 9.89
CA VAL A 329 -5.09 11.98 10.46
C VAL A 329 -4.56 12.77 11.66
N GLU A 330 -4.37 12.08 12.78
CA GLU A 330 -3.58 12.60 13.93
C GLU A 330 -2.12 12.30 13.61
N GLU A 331 -1.37 13.29 13.14
CA GLU A 331 -0.01 13.07 12.58
C GLU A 331 0.96 12.52 13.64
N GLU A 332 0.64 12.67 14.92
CA GLU A 332 1.53 12.27 16.03
C GLU A 332 1.33 10.80 16.40
N ASN A 333 0.13 10.28 16.20
CA ASN A 333 -0.31 8.95 16.68
C ASN A 333 -0.35 7.90 15.56
N ILE A 334 -0.48 8.32 14.30
CA ILE A 334 -0.88 7.34 13.24
C ILE A 334 0.20 6.27 13.16
N ILE A 335 1.48 6.64 13.19
CA ILE A 335 2.58 5.63 13.03
C ILE A 335 2.67 4.73 14.28
N PRO A 336 2.75 5.27 15.52
CA PRO A 336 2.64 4.41 16.70
C PRO A 336 1.41 3.48 16.68
N TYR A 337 0.25 4.01 16.26
CA TYR A 337 -1.03 3.27 16.23
C TYR A 337 -0.90 2.05 15.31
N ILE A 338 -0.30 2.25 14.13
CA ILE A 338 -0.21 1.16 13.11
C ILE A 338 0.80 0.10 13.58
N THR A 339 1.92 0.54 14.14
CA THR A 339 2.98 -0.35 14.71
C THR A 339 2.37 -1.18 15.85
N ASN A 340 1.79 -0.53 16.85
CA ASN A 340 1.47 -1.15 18.16
C ASN A 340 0.05 -1.73 18.14
N VAL A 341 -0.96 -0.91 17.85
CA VAL A 341 -2.38 -1.36 17.91
C VAL A 341 -2.65 -2.30 16.72
N LEU A 342 -2.26 -1.94 15.51
CA LEU A 342 -2.51 -2.78 14.31
C LEU A 342 -1.44 -3.85 14.19
N GLN A 343 -0.28 -3.66 14.83
CA GLN A 343 0.86 -4.61 14.77
C GLN A 343 1.27 -4.77 13.30
N ASN A 344 1.51 -3.66 12.60
CA ASN A 344 1.83 -3.65 11.14
C ASN A 344 2.99 -2.69 10.95
N PRO A 345 4.18 -3.05 11.49
CA PRO A 345 5.37 -2.20 11.37
C PRO A 345 5.73 -1.95 9.91
N ASP A 346 5.43 -2.91 9.03
CA ASP A 346 5.67 -2.80 7.57
C ASP A 346 4.93 -1.57 7.03
N LEU A 347 3.61 -1.53 7.25
CA LEU A 347 2.76 -0.39 6.82
C LEU A 347 3.22 0.87 7.55
N ALA A 348 3.40 0.76 8.87
CA ALA A 348 3.81 1.89 9.72
C ALA A 348 5.03 2.57 9.11
N LEU A 349 6.01 1.77 8.69
CA LEU A 349 7.33 2.30 8.24
C LEU A 349 7.17 2.93 6.85
N ARG A 350 6.47 2.24 5.94
CA ARG A 350 6.13 2.76 4.59
C ARG A 350 5.50 4.16 4.73
N MET A 351 4.44 4.28 5.52
CA MET A 351 3.68 5.55 5.67
C MET A 351 4.57 6.61 6.31
N ALA A 352 5.42 6.21 7.24
CA ALA A 352 6.31 7.15 7.96
C ALA A 352 7.19 7.91 6.96
N VAL A 353 7.83 7.22 6.00
CA VAL A 353 8.78 7.86 5.03
C VAL A 353 8.01 8.43 3.85
N ARG A 354 6.95 7.76 3.39
CA ARG A 354 6.12 8.20 2.24
C ARG A 354 5.52 9.59 2.51
N ASN A 355 5.03 9.84 3.73
CA ASN A 355 4.28 11.09 4.05
C ASN A 355 5.00 11.83 5.18
N ASN A 356 6.28 11.56 5.40
CA ASN A 356 7.16 12.34 6.32
C ASN A 356 6.54 12.49 7.71
N LEU A 357 6.16 11.38 8.35
CA LEU A 357 5.50 11.36 9.69
C LEU A 357 6.47 10.76 10.74
N ALA A 358 6.19 11.01 12.02
CA ALA A 358 7.07 10.69 13.17
C ALA A 358 6.56 9.45 13.91
N GLY A 359 7.47 8.61 14.43
CA GLY A 359 7.15 7.49 15.34
C GLY A 359 7.59 6.11 14.84
N ALA A 360 8.31 6.03 13.71
CA ALA A 360 8.85 4.75 13.16
C ALA A 360 10.39 4.69 13.40
N GLU A 361 10.88 5.60 14.25
CA GLU A 361 12.26 5.64 14.83
C GLU A 361 12.44 4.41 15.72
N GLU A 362 11.42 4.13 16.55
CA GLU A 362 11.28 2.93 17.43
C GLU A 362 10.07 2.10 16.96
N LEU A 363 10.25 0.79 16.76
CA LEU A 363 9.21 -0.14 16.25
C LEU A 363 9.08 -1.34 17.22
N ILE B 4 19.43 -9.57 -26.52
CA ILE B 4 19.78 -10.66 -25.56
C ILE B 4 20.00 -10.06 -24.17
N LEU B 5 19.52 -10.76 -23.15
CA LEU B 5 19.62 -10.37 -21.71
C LEU B 5 20.47 -11.42 -21.01
N PRO B 6 21.26 -11.01 -20.00
CA PRO B 6 22.10 -11.95 -19.26
C PRO B 6 21.32 -12.76 -18.20
N ILE B 7 20.05 -12.41 -17.96
CA ILE B 7 19.14 -13.07 -16.98
C ILE B 7 17.86 -13.53 -17.67
N ARG B 8 17.20 -14.53 -17.07
CA ARG B 8 15.85 -15.03 -17.43
C ARG B 8 14.89 -14.81 -16.28
N PHE B 9 13.74 -14.17 -16.54
CA PHE B 9 12.58 -14.11 -15.60
C PHE B 9 11.65 -15.29 -15.88
N GLN B 10 10.95 -15.75 -14.84
CA GLN B 10 9.96 -16.83 -14.93
C GLN B 10 8.87 -16.58 -13.88
N GLU B 11 7.60 -16.62 -14.31
CA GLU B 11 6.44 -16.65 -13.39
C GLU B 11 6.13 -18.13 -13.12
N HIS B 12 6.11 -18.52 -11.86
CA HIS B 12 5.86 -19.92 -11.43
C HIS B 12 4.41 -20.06 -11.00
N LEU B 13 3.79 -18.99 -10.50
CA LEU B 13 2.49 -19.08 -9.80
C LEU B 13 1.91 -17.68 -9.60
N GLN B 14 0.59 -17.60 -9.61
CA GLN B 14 -0.21 -16.50 -9.05
C GLN B 14 -1.00 -17.07 -7.88
N LEU B 15 -0.68 -16.67 -6.65
CA LEU B 15 -1.31 -17.25 -5.44
C LEU B 15 -2.80 -16.92 -5.43
N GLN B 16 -3.24 -15.86 -6.10
CA GLN B 16 -4.68 -15.49 -6.13
C GLN B 16 -5.44 -16.54 -6.96
N ASN B 17 -4.81 -17.17 -7.96
CA ASN B 17 -5.40 -18.32 -8.70
C ASN B 17 -5.58 -19.58 -7.82
N LEU B 18 -5.13 -19.58 -6.57
CA LEU B 18 -5.24 -20.73 -5.64
C LEU B 18 -6.14 -20.35 -4.47
N GLY B 19 -6.85 -19.23 -4.57
CA GLY B 19 -7.76 -18.75 -3.52
C GLY B 19 -7.02 -18.21 -2.32
N ILE B 20 -5.80 -17.67 -2.53
CA ILE B 20 -5.14 -16.89 -1.45
C ILE B 20 -5.72 -15.48 -1.50
N ASN B 21 -6.23 -15.02 -0.36
CA ASN B 21 -6.72 -13.64 -0.17
C ASN B 21 -5.53 -12.70 -0.17
N PRO B 22 -5.51 -11.67 -1.05
CA PRO B 22 -4.40 -10.71 -1.11
C PRO B 22 -4.06 -10.02 0.22
N ALA B 23 -4.99 -9.92 1.17
CA ALA B 23 -4.73 -9.28 2.49
C ALA B 23 -3.74 -10.12 3.31
N ASN B 24 -3.50 -11.38 2.94
CA ASN B 24 -2.59 -12.30 3.68
C ASN B 24 -1.28 -12.49 2.92
N ILE B 25 -1.14 -11.84 1.75
CA ILE B 25 0.10 -11.86 0.93
C ILE B 25 0.95 -10.66 1.38
N GLY B 26 1.64 -10.82 2.52
CA GLY B 26 2.62 -9.85 3.01
C GLY B 26 3.67 -10.49 3.92
N PHE B 27 4.61 -9.67 4.37
CA PHE B 27 5.83 -10.07 5.11
C PHE B 27 5.49 -10.96 6.31
N SER B 28 4.48 -10.61 7.10
CA SER B 28 4.26 -11.24 8.43
C SER B 28 3.36 -12.48 8.33
N THR B 29 2.70 -12.73 7.19
CA THR B 29 1.69 -13.81 7.04
C THR B 29 2.08 -14.85 5.97
N LEU B 30 2.96 -14.51 5.01
CA LEU B 30 3.41 -15.46 3.95
C LEU B 30 4.90 -15.70 4.10
N THR B 31 5.33 -16.95 4.28
CA THR B 31 6.76 -17.32 4.44
C THR B 31 7.17 -18.28 3.32
N MET B 32 8.38 -18.07 2.83
CA MET B 32 9.00 -18.90 1.80
C MET B 32 10.47 -19.03 2.16
N GLU B 33 10.77 -20.08 2.93
CA GLU B 33 12.07 -20.35 3.56
C GLU B 33 13.00 -21.01 2.55
N SER B 34 12.42 -21.55 1.48
CA SER B 34 13.13 -22.21 0.36
C SER B 34 12.20 -22.24 -0.86
N ASP B 35 12.66 -22.73 -2.01
CA ASP B 35 11.82 -22.73 -3.24
C ASP B 35 10.82 -23.91 -3.20
N LYS B 36 10.79 -24.71 -2.13
CA LYS B 36 10.02 -25.98 -2.07
C LYS B 36 8.61 -25.72 -1.55
N PHE B 37 8.42 -24.74 -0.68
CA PHE B 37 7.11 -24.48 -0.02
C PHE B 37 6.89 -23.00 0.17
N ILE B 38 5.61 -22.63 0.12
CA ILE B 38 5.10 -21.32 0.61
C ILE B 38 4.05 -21.65 1.67
N CYS B 39 4.10 -20.98 2.81
CA CYS B 39 3.06 -21.03 3.87
C CYS B 39 2.37 -19.67 3.99
N ILE B 40 1.04 -19.70 4.10
CA ILE B 40 0.23 -18.48 4.26
C ILE B 40 -0.70 -18.72 5.45
N ARG B 41 -0.62 -17.86 6.45
CA ARG B 41 -1.59 -17.80 7.57
C ARG B 41 -2.80 -16.97 7.15
N GLU B 42 -4.00 -17.53 7.28
CA GLU B 42 -5.28 -16.85 6.97
C GLU B 42 -6.25 -17.12 8.11
N LYS B 43 -6.97 -16.10 8.61
CA LYS B 43 -8.25 -16.31 9.34
C LYS B 43 -9.34 -16.50 8.28
N VAL B 44 -10.04 -17.63 8.32
CA VAL B 44 -11.24 -17.91 7.46
C VAL B 44 -12.42 -18.18 8.41
N GLY B 45 -13.13 -17.10 8.79
CA GLY B 45 -14.34 -17.14 9.63
C GLY B 45 -14.04 -17.45 11.09
N GLU B 46 -13.10 -16.72 11.68
CA GLU B 46 -12.69 -16.84 13.11
C GLU B 46 -11.70 -17.99 13.32
N GLN B 47 -11.62 -18.97 12.41
CA GLN B 47 -10.60 -20.05 12.52
CA GLN B 47 -10.64 -20.09 12.45
C GLN B 47 -9.34 -19.69 11.71
N ALA B 48 -8.26 -19.42 12.45
CA ALA B 48 -6.89 -19.28 11.91
C ALA B 48 -6.51 -20.60 11.22
N GLN B 49 -6.03 -20.51 9.99
CA GLN B 49 -5.47 -21.67 9.26
C GLN B 49 -4.07 -21.34 8.73
N VAL B 50 -3.32 -22.38 8.40
CA VAL B 50 -2.11 -22.28 7.53
C VAL B 50 -2.41 -23.00 6.23
N VAL B 51 -2.08 -22.35 5.12
CA VAL B 51 -2.17 -22.91 3.76
C VAL B 51 -0.75 -23.26 3.35
N ILE B 52 -0.53 -24.52 3.01
CA ILE B 52 0.80 -25.02 2.61
C ILE B 52 0.78 -25.34 1.13
N ILE B 53 1.58 -24.62 0.37
CA ILE B 53 1.73 -24.83 -1.09
C ILE B 53 3.03 -25.58 -1.32
N ASP B 54 2.89 -26.83 -1.72
CA ASP B 54 4.01 -27.66 -2.22
C ASP B 54 4.31 -27.17 -3.64
N MET B 55 5.47 -26.57 -3.84
CA MET B 55 5.85 -25.99 -5.15
C MET B 55 5.97 -27.10 -6.21
N ASN B 56 6.14 -28.35 -5.79
CA ASN B 56 6.14 -29.50 -6.73
C ASN B 56 4.70 -29.92 -7.08
N ASP B 57 3.69 -29.44 -6.35
CA ASP B 57 2.27 -29.83 -6.56
C ASP B 57 1.39 -28.62 -6.23
N PRO B 58 1.57 -27.51 -6.97
CA PRO B 58 1.09 -26.20 -6.53
C PRO B 58 -0.44 -26.10 -6.45
N SER B 59 -1.13 -26.86 -7.31
CA SER B 59 -2.60 -26.76 -7.49
C SER B 59 -3.34 -27.47 -6.36
N ASN B 60 -2.64 -28.25 -5.52
CA ASN B 60 -3.24 -28.99 -4.38
C ASN B 60 -2.72 -28.45 -3.05
N PRO B 61 -3.01 -27.18 -2.69
CA PRO B 61 -2.59 -26.66 -1.39
C PRO B 61 -3.36 -27.40 -0.30
N ILE B 62 -2.78 -27.51 0.89
CA ILE B 62 -3.50 -28.18 2.00
C ILE B 62 -3.74 -27.13 3.09
N ARG B 63 -4.97 -27.02 3.55
CA ARG B 63 -5.31 -26.07 4.61
C ARG B 63 -5.49 -26.87 5.90
N ARG B 64 -4.90 -26.41 6.97
CA ARG B 64 -5.06 -27.10 8.26
C ARG B 64 -5.23 -25.99 9.26
N PRO B 65 -6.19 -26.01 10.41
CA PRO B 65 -6.38 -25.07 11.50
C PRO B 65 -5.10 -24.93 12.34
N ILE B 66 -4.80 -23.70 12.78
CA ILE B 66 -3.64 -23.40 13.66
C ILE B 66 -4.10 -22.41 14.73
N SER B 67 -3.28 -22.26 15.76
CA SER B 67 -3.36 -21.23 16.80
C SER B 67 -1.97 -20.61 16.97
N ALA B 68 -1.15 -20.68 15.91
CA ALA B 68 0.23 -20.13 15.89
C ALA B 68 0.18 -18.71 15.33
N ASP B 69 1.06 -17.82 15.84
CA ASP B 69 1.19 -16.43 15.35
C ASP B 69 2.19 -16.40 14.18
N SER B 70 2.88 -17.50 13.89
CA SER B 70 3.92 -17.59 12.84
C SER B 70 4.12 -19.06 12.47
N ALA B 71 4.42 -19.30 11.20
CA ALA B 71 4.69 -20.63 10.62
C ALA B 71 5.85 -20.54 9.61
N ILE B 72 6.84 -21.39 9.77
CA ILE B 72 7.96 -21.42 8.79
C ILE B 72 8.25 -22.88 8.46
N MET B 73 8.18 -23.21 7.18
CA MET B 73 8.49 -24.57 6.68
C MET B 73 10.00 -24.76 6.61
N ASN B 74 10.48 -25.92 7.02
CA ASN B 74 11.86 -26.39 6.80
C ASN B 74 12.19 -26.22 5.32
N PRO B 75 13.44 -25.88 4.98
CA PRO B 75 13.81 -25.70 3.58
C PRO B 75 13.58 -26.93 2.69
N ALA B 76 13.74 -28.14 3.23
CA ALA B 76 13.89 -29.38 2.42
C ALA B 76 12.76 -30.39 2.63
N SER B 77 12.06 -30.33 3.75
CA SER B 77 11.17 -31.40 4.26
C SER B 77 9.88 -30.74 4.76
N LYS B 78 8.78 -31.47 4.69
CA LYS B 78 7.44 -31.04 5.14
C LYS B 78 7.44 -31.13 6.67
N VAL B 79 8.32 -30.32 7.28
CA VAL B 79 8.53 -30.18 8.73
C VAL B 79 8.28 -28.72 9.02
N ILE B 80 7.39 -28.38 9.93
CA ILE B 80 6.93 -26.98 10.08
C ILE B 80 7.27 -26.53 11.48
N ALA B 81 7.76 -25.28 11.62
CA ALA B 81 7.99 -24.66 12.93
C ALA B 81 6.85 -23.69 13.18
N LEU B 82 6.22 -23.80 14.35
CA LEU B 82 5.02 -22.99 14.74
C LEU B 82 5.30 -22.37 16.09
N LYS B 83 4.87 -21.13 16.30
CA LYS B 83 4.98 -20.51 17.63
C LYS B 83 3.73 -19.69 17.95
N ALA B 84 3.50 -19.50 19.24
CA ALA B 84 2.53 -18.54 19.80
C ALA B 84 3.22 -17.93 21.01
N GLY B 85 3.67 -16.68 20.90
CA GLY B 85 4.47 -16.02 21.95
C GLY B 85 5.75 -16.77 22.25
N LYS B 86 5.83 -17.45 23.39
CA LYS B 86 7.06 -18.10 23.90
C LYS B 86 7.03 -19.59 23.59
N THR B 87 5.88 -20.11 23.15
CA THR B 87 5.65 -21.54 22.85
C THR B 87 6.12 -21.85 21.42
N LEU B 88 7.18 -22.65 21.29
CA LEU B 88 7.68 -23.15 19.97
C LEU B 88 7.35 -24.64 19.82
N GLN B 89 6.85 -25.06 18.67
CA GLN B 89 6.60 -26.50 18.36
C GLN B 89 7.07 -26.81 16.95
N ILE B 90 7.66 -27.98 16.74
CA ILE B 90 8.10 -28.47 15.42
C ILE B 90 7.28 -29.71 15.10
N PHE B 91 6.64 -29.76 13.94
CA PHE B 91 5.83 -30.90 13.49
C PHE B 91 6.38 -31.47 12.18
N ASN B 92 6.44 -32.80 12.07
CA ASN B 92 6.53 -33.49 10.77
C ASN B 92 5.09 -33.67 10.28
N ILE B 93 4.72 -32.98 9.23
CA ILE B 93 3.30 -32.89 8.77
C ILE B 93 2.82 -34.27 8.27
N GLU B 94 3.58 -34.95 7.42
CA GLU B 94 3.21 -36.28 6.86
C GLU B 94 3.06 -37.28 8.01
N MET B 95 3.86 -37.17 9.09
CA MET B 95 3.76 -38.07 10.27
C MET B 95 2.73 -37.56 11.29
N LYS B 96 2.21 -36.34 11.12
CA LYS B 96 1.21 -35.77 12.08
C LYS B 96 1.75 -35.87 13.50
N SER B 97 3.02 -35.57 13.68
CA SER B 97 3.82 -35.85 14.89
C SER B 97 4.58 -34.59 15.32
N LYS B 98 4.50 -34.27 16.61
CA LYS B 98 5.31 -33.21 17.26
C LYS B 98 6.72 -33.75 17.50
N MET B 99 7.68 -33.27 16.74
CA MET B 99 9.10 -33.70 16.80
CA MET B 99 9.07 -33.77 16.85
C MET B 99 9.78 -33.11 18.05
N LYS B 100 9.56 -31.81 18.30
CA LYS B 100 10.16 -31.09 19.47
C LYS B 100 9.27 -29.92 19.89
N ALA B 101 9.52 -29.42 21.10
CA ALA B 101 8.82 -28.25 21.68
C ALA B 101 9.81 -27.55 22.61
N HIS B 102 9.68 -26.24 22.73
CA HIS B 102 10.44 -25.45 23.71
C HIS B 102 9.65 -24.21 24.08
N THR B 103 9.67 -23.82 25.36
CA THR B 103 9.10 -22.53 25.83
C THR B 103 10.24 -21.56 26.11
N MET B 104 10.33 -20.47 25.35
CA MET B 104 11.34 -19.40 25.55
C MET B 104 10.93 -18.58 26.79
N THR B 105 11.86 -17.82 27.35
CA THR B 105 11.61 -16.82 28.42
C THR B 105 11.13 -15.51 27.79
N ASP B 106 11.48 -15.26 26.50
CA ASP B 106 11.12 -14.01 25.78
C ASP B 106 10.32 -14.34 24.51
N ASP B 107 9.47 -13.42 24.05
CA ASP B 107 8.76 -13.57 22.74
C ASP B 107 9.81 -13.62 21.63
N VAL B 108 9.59 -14.47 20.65
CA VAL B 108 10.42 -14.49 19.41
C VAL B 108 9.76 -13.58 18.38
N THR B 109 10.40 -12.46 18.06
CA THR B 109 9.87 -11.40 17.17
C THR B 109 10.22 -11.74 15.70
N PHE B 110 11.26 -12.53 15.47
CA PHE B 110 11.65 -13.00 14.12
C PHE B 110 12.29 -14.38 14.24
N TRP B 111 11.99 -15.26 13.28
CA TRP B 111 12.71 -16.54 13.17
C TRP B 111 12.71 -17.04 11.73
N LYS B 112 13.66 -17.92 11.44
CA LYS B 112 13.81 -18.54 10.11
C LYS B 112 14.76 -19.73 10.20
N TRP B 113 14.66 -20.60 9.22
CA TRP B 113 15.61 -21.72 9.03
C TRP B 113 16.88 -21.15 8.42
N ILE B 114 18.03 -21.47 9.01
CA ILE B 114 19.33 -21.00 8.48
C ILE B 114 20.04 -22.16 7.81
N SER B 115 19.49 -23.37 7.89
CA SER B 115 20.10 -24.62 7.39
C SER B 115 19.01 -25.69 7.29
N LEU B 116 19.35 -26.86 6.75
CA LEU B 116 18.42 -27.99 6.64
C LEU B 116 17.95 -28.39 8.02
N ASN B 117 18.70 -28.10 9.08
CA ASN B 117 18.35 -28.66 10.40
C ASN B 117 18.32 -27.62 11.51
N THR B 118 18.56 -26.33 11.24
CA THR B 118 18.64 -25.33 12.33
C THR B 118 17.70 -24.15 12.11
N VAL B 119 16.98 -23.77 13.18
CA VAL B 119 16.12 -22.57 13.24
C VAL B 119 16.87 -21.52 14.04
N ALA B 120 16.92 -20.29 13.52
CA ALA B 120 17.42 -19.09 14.23
C ALA B 120 16.25 -18.34 14.85
N LEU B 121 16.36 -17.98 16.11
CA LEU B 121 15.32 -17.25 16.87
C LEU B 121 15.88 -15.90 17.30
N VAL B 122 15.12 -14.83 17.08
CA VAL B 122 15.50 -13.46 17.51
C VAL B 122 14.43 -12.97 18.49
N THR B 123 14.86 -12.63 19.72
CA THR B 123 14.02 -11.98 20.75
C THR B 123 14.31 -10.49 20.73
N ASP B 124 13.75 -9.72 21.65
CA ASP B 124 14.09 -8.29 21.77
CA ASP B 124 14.08 -8.29 21.84
C ASP B 124 15.58 -8.15 22.11
N ASN B 125 16.19 -9.12 22.77
CA ASN B 125 17.56 -8.86 23.31
C ASN B 125 18.61 -9.91 22.89
N ALA B 126 18.28 -10.96 22.15
CA ALA B 126 19.31 -11.98 21.81
C ALA B 126 18.95 -12.82 20.58
N VAL B 127 19.93 -13.56 20.09
CA VAL B 127 19.75 -14.47 18.94
C VAL B 127 20.12 -15.88 19.37
N TYR B 128 19.28 -16.85 19.02
CA TYR B 128 19.44 -18.27 19.37
C TYR B 128 19.49 -19.14 18.11
N HIS B 129 20.20 -20.26 18.20
CA HIS B 129 20.16 -21.35 17.21
C HIS B 129 19.52 -22.56 17.87
N TRP B 130 18.57 -23.19 17.16
CA TRP B 130 17.89 -24.41 17.65
C TRP B 130 18.04 -25.50 16.60
N SER B 131 18.93 -26.46 16.87
CA SER B 131 19.15 -27.64 16.03
C SER B 131 17.97 -28.60 16.20
N MET B 132 17.57 -29.28 15.13
CA MET B 132 16.51 -30.32 15.18
C MET B 132 17.14 -31.68 15.51
N GLU B 133 18.47 -31.79 15.62
CA GLU B 133 19.16 -33.07 15.94
C GLU B 133 18.91 -33.42 17.40
N GLY B 134 18.53 -34.66 17.65
CA GLY B 134 18.38 -35.21 19.00
C GLY B 134 17.54 -34.31 19.89
N GLU B 135 18.02 -34.04 21.11
CA GLU B 135 17.25 -33.34 22.17
C GLU B 135 17.71 -31.89 22.35
N SER B 136 18.44 -31.34 21.37
CA SER B 136 18.96 -29.94 21.41
C SER B 136 17.82 -28.97 21.76
N GLN B 137 18.10 -28.03 22.64
CA GLN B 137 17.23 -26.88 22.92
C GLN B 137 17.90 -25.66 22.31
N PRO B 138 17.19 -24.52 22.19
CA PRO B 138 17.81 -23.30 21.65
C PRO B 138 19.04 -22.87 22.46
N VAL B 139 20.10 -22.52 21.74
CA VAL B 139 21.38 -22.05 22.32
C VAL B 139 21.52 -20.56 22.03
N LYS B 140 21.77 -19.75 23.05
CA LYS B 140 21.99 -18.30 22.83
C LYS B 140 23.33 -18.13 22.13
N MET B 141 23.33 -17.53 20.93
CA MET B 141 24.57 -17.32 20.17
C MET B 141 25.20 -15.98 20.60
N PHE B 142 24.43 -14.91 20.60
CA PHE B 142 24.92 -13.58 21.05
C PHE B 142 23.75 -12.73 21.56
N ASP B 143 24.13 -11.67 22.25
CA ASP B 143 23.21 -10.62 22.75
C ASP B 143 23.13 -9.54 21.66
N ARG B 144 21.94 -9.02 21.44
CA ARG B 144 21.69 -8.00 20.41
C ARG B 144 22.47 -6.73 20.77
N HIS B 145 23.04 -6.09 19.78
CA HIS B 145 23.71 -4.76 19.89
C HIS B 145 22.65 -3.64 19.98
N SER B 146 22.96 -2.61 20.77
CA SER B 146 22.07 -1.46 21.06
C SER B 146 21.74 -0.70 19.78
N SER B 147 22.57 -0.79 18.74
CA SER B 147 22.33 -0.11 17.45
C SER B 147 21.09 -0.67 16.76
N LEU B 148 20.63 -1.88 17.12
CA LEU B 148 19.42 -2.48 16.49
C LEU B 148 18.19 -2.30 17.41
N ALA B 149 18.34 -1.64 18.56
CA ALA B 149 17.23 -1.44 19.52
C ALA B 149 16.04 -0.76 18.83
N GLY B 150 14.85 -1.34 18.89
CA GLY B 150 13.66 -0.75 18.27
C GLY B 150 13.69 -0.74 16.76
N CYS B 151 14.54 -1.53 16.10
CA CYS B 151 14.42 -1.74 14.64
C CYS B 151 13.37 -2.84 14.43
N GLN B 152 12.73 -2.83 13.27
CA GLN B 152 12.02 -3.99 12.73
C GLN B 152 13.10 -4.94 12.22
N ILE B 153 13.19 -6.13 12.82
CA ILE B 153 14.12 -7.18 12.31
C ILE B 153 13.56 -7.69 11.01
N ILE B 154 14.36 -7.68 9.94
CA ILE B 154 13.89 -8.13 8.60
C ILE B 154 14.67 -9.34 8.13
N ASN B 155 15.82 -9.66 8.70
CA ASN B 155 16.58 -10.83 8.19
C ASN B 155 17.68 -11.22 9.18
N TYR B 156 18.15 -12.45 9.02
CA TYR B 156 19.26 -13.07 9.77
C TYR B 156 19.95 -14.02 8.81
N ARG B 157 21.27 -13.93 8.65
CA ARG B 157 22.03 -14.81 7.73
C ARG B 157 23.33 -15.26 8.36
N THR B 158 23.87 -16.35 7.85
CA THR B 158 25.11 -16.94 8.36
C THR B 158 25.91 -17.46 7.18
N ASP B 159 27.20 -17.64 7.41
CA ASP B 159 28.05 -18.38 6.46
C ASP B 159 27.70 -19.85 6.61
N ALA B 160 28.23 -20.65 5.69
CA ALA B 160 27.98 -22.11 5.62
C ALA B 160 28.35 -22.75 6.96
N LYS B 161 29.46 -22.36 7.58
CA LYS B 161 29.96 -23.03 8.81
C LYS B 161 29.32 -22.45 10.07
N GLN B 162 28.46 -21.45 9.96
CA GLN B 162 27.77 -20.83 11.13
C GLN B 162 28.81 -20.26 12.11
N LYS B 163 29.84 -19.61 11.56
CA LYS B 163 30.90 -18.90 12.32
C LYS B 163 30.72 -17.39 12.21
N TRP B 164 29.96 -16.93 11.23
CA TRP B 164 29.67 -15.50 10.97
C TRP B 164 28.16 -15.34 10.86
N LEU B 165 27.59 -14.51 11.73
CA LEU B 165 26.15 -14.37 11.96
C LEU B 165 25.81 -12.90 11.70
N LEU B 166 24.73 -12.63 10.96
CA LEU B 166 24.35 -11.25 10.59
C LEU B 166 22.88 -11.02 10.81
N LEU B 167 22.57 -10.15 11.77
CA LEU B 167 21.19 -9.74 12.11
C LEU B 167 20.93 -8.39 11.46
N THR B 168 19.79 -8.22 10.79
CA THR B 168 19.49 -6.95 10.07
C THR B 168 18.15 -6.37 10.53
N GLY B 169 18.20 -5.11 10.95
CA GLY B 169 17.04 -4.29 11.35
C GLY B 169 16.95 -3.02 10.52
N ILE B 170 15.74 -2.50 10.37
CA ILE B 170 15.48 -1.20 9.70
C ILE B 170 14.60 -0.33 10.61
N SER B 171 14.70 0.99 10.40
CA SER B 171 13.88 2.03 11.08
C SER B 171 13.79 3.26 10.18
N ALA B 172 12.90 4.20 10.54
CA ALA B 172 12.79 5.54 9.91
C ALA B 172 13.71 6.50 10.66
N GLN B 173 14.74 7.03 10.00
CA GLN B 173 15.62 8.10 10.56
C GLN B 173 15.78 9.20 9.50
N GLN B 174 15.43 10.43 9.86
CA GLN B 174 15.56 11.59 8.94
C GLN B 174 14.77 11.25 7.68
N ASN B 175 13.63 10.60 7.84
CA ASN B 175 12.68 10.32 6.74
C ASN B 175 13.28 9.44 5.64
N ARG B 176 14.20 8.54 5.97
CA ARG B 176 14.49 7.38 5.09
C ARG B 176 14.57 6.10 5.93
N VAL B 177 14.53 4.97 5.22
CA VAL B 177 14.65 3.62 5.82
C VAL B 177 16.14 3.37 6.02
N VAL B 178 16.60 3.38 7.27
CA VAL B 178 18.03 3.15 7.61
C VAL B 178 18.20 1.69 8.07
N GLY B 179 19.15 0.97 7.47
CA GLY B 179 19.53 -0.39 7.85
C GLY B 179 20.59 -0.41 8.93
N ALA B 180 20.37 -1.20 9.99
CA ALA B 180 21.33 -1.44 11.08
C ALA B 180 21.62 -2.94 11.12
N MET B 181 22.85 -3.34 10.81
CA MET B 181 23.28 -4.76 10.87
C MET B 181 24.17 -4.98 12.08
N GLN B 182 24.14 -6.22 12.62
CA GLN B 182 25.07 -6.69 13.66
C GLN B 182 25.77 -7.90 13.06
N LEU B 183 27.08 -7.80 12.81
CA LEU B 183 27.91 -8.93 12.36
C LEU B 183 28.59 -9.50 13.59
N TYR B 184 28.34 -10.77 13.89
CA TYR B 184 28.90 -11.46 15.08
C TYR B 184 29.90 -12.51 14.61
N SER B 185 31.10 -12.50 15.21
CA SER B 185 32.10 -13.60 15.11
C SER B 185 31.85 -14.62 16.23
N VAL B 186 31.51 -15.84 15.86
CA VAL B 186 31.33 -16.96 16.83
C VAL B 186 32.73 -17.27 17.42
N ASP B 187 33.78 -17.25 16.61
CA ASP B 187 35.14 -17.62 17.10
C ASP B 187 35.70 -16.54 18.01
N ARG B 188 35.43 -15.26 17.75
CA ARG B 188 36.07 -14.15 18.49
C ARG B 188 35.11 -13.58 19.54
N LYS B 189 33.84 -13.96 19.52
CA LYS B 189 32.79 -13.46 20.44
C LYS B 189 32.78 -11.93 20.44
N VAL B 190 32.84 -11.33 19.24
CA VAL B 190 32.79 -9.86 19.06
C VAL B 190 31.70 -9.52 18.05
N SER B 191 30.95 -8.44 18.31
CA SER B 191 29.91 -7.87 17.42
C SER B 191 30.45 -6.58 16.77
N GLN B 192 30.14 -6.37 15.50
CA GLN B 192 30.44 -5.14 14.75
C GLN B 192 29.15 -4.57 14.21
N PRO B 193 28.75 -3.34 14.64
CA PRO B 193 27.59 -2.68 14.05
C PRO B 193 28.00 -2.15 12.67
N ILE B 194 27.13 -2.30 11.68
CA ILE B 194 27.39 -1.86 10.28
C ILE B 194 26.08 -1.29 9.75
N GLU B 195 26.12 -0.14 9.07
CA GLU B 195 24.96 0.35 8.30
C GLU B 195 24.83 -0.50 7.04
N GLY B 196 23.68 -1.14 6.85
CA GLY B 196 23.46 -2.08 5.74
C GLY B 196 21.99 -2.43 5.58
N HIS B 197 21.57 -2.73 4.36
CA HIS B 197 20.15 -3.02 4.03
CA HIS B 197 20.15 -3.01 4.01
C HIS B 197 19.94 -4.51 3.74
N ALA B 198 20.86 -5.12 3.02
CA ALA B 198 20.75 -6.51 2.53
C ALA B 198 22.13 -7.14 2.42
N ALA B 199 22.24 -8.42 2.71
CA ALA B 199 23.52 -9.11 2.84
C ALA B 199 23.33 -10.58 2.54
N SER B 200 24.45 -11.23 2.22
CA SER B 200 24.58 -12.70 2.10
C SER B 200 26.05 -13.05 2.33
N PHE B 201 26.30 -14.25 2.84
CA PHE B 201 27.65 -14.82 2.88
C PHE B 201 27.76 -15.68 1.63
N ALA B 202 28.98 -16.05 1.27
CA ALA B 202 29.24 -16.99 0.17
C ALA B 202 30.62 -17.60 0.37
N GLN B 203 30.76 -18.79 -0.17
CA GLN B 203 32.02 -19.53 -0.28
C GLN B 203 32.58 -19.25 -1.68
N PHE B 204 33.84 -18.88 -1.76
CA PHE B 204 34.52 -18.61 -3.04
C PHE B 204 35.95 -19.13 -2.95
N LYS B 205 36.34 -19.97 -3.90
CA LYS B 205 37.76 -20.41 -4.00
C LYS B 205 38.47 -19.61 -5.08
N MET B 206 39.37 -18.71 -4.66
CA MET B 206 40.34 -17.99 -5.53
C MET B 206 41.26 -19.01 -6.21
N GLU B 207 41.51 -18.87 -7.52
CA GLU B 207 42.50 -19.69 -8.26
C GLU B 207 43.85 -19.51 -7.56
N GLY B 208 44.62 -20.59 -7.39
CA GLY B 208 45.87 -20.59 -6.60
C GLY B 208 45.65 -20.64 -5.09
N ASN B 209 44.41 -20.77 -4.62
CA ASN B 209 44.12 -21.10 -3.20
C ASN B 209 43.64 -22.55 -3.12
N ALA B 210 44.16 -23.31 -2.13
CA ALA B 210 43.74 -24.71 -1.83
C ALA B 210 42.34 -24.68 -1.20
N GLU B 211 42.08 -23.71 -0.32
CA GLU B 211 40.85 -23.61 0.49
C GLU B 211 39.96 -22.47 0.00
N GLU B 212 38.65 -22.68 0.12
CA GLU B 212 37.59 -21.67 -0.07
C GLU B 212 37.82 -20.54 0.92
N SER B 213 37.50 -19.32 0.49
CA SER B 213 37.38 -18.11 1.32
C SER B 213 35.92 -17.99 1.76
N THR B 214 35.65 -17.45 2.93
CA THR B 214 34.29 -17.03 3.35
C THR B 214 34.13 -15.54 3.07
N LEU B 215 33.22 -15.22 2.16
CA LEU B 215 32.91 -13.83 1.79
C LEU B 215 31.60 -13.39 2.44
N PHE B 216 31.61 -12.15 2.89
CA PHE B 216 30.48 -11.38 3.45
C PHE B 216 30.16 -10.28 2.43
N CYS B 217 28.98 -10.33 1.81
CA CYS B 217 28.55 -9.31 0.83
C CYS B 217 27.36 -8.56 1.42
N PHE B 218 27.43 -7.24 1.46
CA PHE B 218 26.27 -6.42 1.86
C PHE B 218 26.14 -5.18 0.97
N ALA B 219 24.88 -4.77 0.79
CA ALA B 219 24.45 -3.60 0.02
C ALA B 219 23.77 -2.65 0.99
N VAL B 220 24.02 -1.35 0.81
CA VAL B 220 23.52 -0.27 1.71
C VAL B 220 23.16 0.91 0.81
N ARG B 221 22.06 1.59 1.11
CA ARG B 221 21.86 3.00 0.67
C ARG B 221 22.13 3.87 1.88
N GLY B 222 23.33 4.45 1.94
CA GLY B 222 23.75 5.31 3.04
C GLY B 222 23.57 6.76 2.67
N GLN B 223 24.26 7.66 3.37
CA GLN B 223 24.37 9.09 2.99
C GLN B 223 25.26 9.15 1.73
N ALA B 224 26.37 8.40 1.73
CA ALA B 224 27.27 8.13 0.57
C ALA B 224 26.45 7.77 -0.68
N GLY B 225 25.24 7.22 -0.50
CA GLY B 225 24.41 6.58 -1.55
C GLY B 225 24.60 5.07 -1.59
N GLY B 226 24.29 4.44 -2.72
CA GLY B 226 24.29 2.98 -2.87
C GLY B 226 25.71 2.43 -2.95
N LYS B 227 26.06 1.51 -2.04
CA LYS B 227 27.35 0.76 -2.08
C LYS B 227 27.11 -0.74 -1.88
N LEU B 228 27.90 -1.54 -2.60
CA LEU B 228 27.98 -2.99 -2.37
C LEU B 228 29.42 -3.30 -2.00
N HIS B 229 29.60 -4.12 -0.97
CA HIS B 229 30.91 -4.52 -0.40
C HIS B 229 31.02 -6.05 -0.45
N ILE B 230 32.20 -6.54 -0.79
CA ILE B 230 32.51 -7.99 -0.76
C ILE B 230 33.82 -8.11 0.02
N ILE B 231 33.77 -8.77 1.17
CA ILE B 231 34.85 -8.77 2.19
C ILE B 231 35.02 -10.22 2.65
N GLU B 232 36.28 -10.68 2.71
CA GLU B 232 36.62 -11.94 3.40
C GLU B 232 36.44 -11.69 4.89
N VAL B 233 35.72 -12.58 5.57
CA VAL B 233 35.61 -12.56 7.05
C VAL B 233 36.43 -13.74 7.54
N GLY B 234 37.08 -13.56 8.68
CA GLY B 234 37.97 -14.58 9.25
C GLY B 234 39.36 -14.45 8.66
N THR B 235 40.36 -14.96 9.39
CA THR B 235 41.74 -15.22 8.96
C THR B 235 41.68 -16.16 7.77
N PRO B 236 42.36 -15.90 6.63
CA PRO B 236 42.36 -16.87 5.56
C PRO B 236 42.83 -18.22 6.07
N PRO B 237 42.25 -19.34 5.59
CA PRO B 237 42.82 -20.65 5.86
C PRO B 237 44.32 -20.60 5.60
N THR B 238 45.12 -21.35 6.36
CA THR B 238 46.61 -21.36 6.21
C THR B 238 46.95 -21.72 4.77
N GLY B 239 47.93 -21.05 4.17
CA GLY B 239 48.31 -21.29 2.76
C GLY B 239 47.54 -20.41 1.78
N ASN B 240 46.35 -19.91 2.15
CA ASN B 240 45.46 -19.12 1.23
C ASN B 240 46.02 -17.71 1.08
N GLN B 241 45.97 -17.14 -0.12
CA GLN B 241 46.08 -15.66 -0.32
C GLN B 241 44.78 -15.04 0.19
N PRO B 242 44.83 -13.83 0.79
CA PRO B 242 43.61 -13.16 1.21
C PRO B 242 42.80 -12.74 0.00
N PHE B 243 41.47 -12.71 0.14
CA PHE B 243 40.58 -12.14 -0.88
C PHE B 243 40.61 -10.63 -0.73
N PRO B 244 41.02 -9.89 -1.79
CA PRO B 244 41.03 -8.43 -1.73
C PRO B 244 39.60 -7.86 -1.70
N LYS B 245 39.34 -6.91 -0.81
CA LYS B 245 37.95 -6.45 -0.59
C LYS B 245 37.52 -5.62 -1.81
N LYS B 246 36.25 -5.74 -2.19
CA LYS B 246 35.67 -4.96 -3.30
C LYS B 246 34.63 -4.04 -2.70
N ALA B 247 34.56 -2.82 -3.23
CA ALA B 247 33.48 -1.83 -3.00
C ALA B 247 33.09 -1.24 -4.38
N VAL B 248 31.78 -1.19 -4.68
CA VAL B 248 31.24 -0.69 -5.96
C VAL B 248 29.94 0.05 -5.65
N ASP B 249 29.52 0.89 -6.57
CA ASP B 249 28.31 1.72 -6.39
C ASP B 249 27.11 0.84 -6.66
N VAL B 250 26.02 1.14 -5.98
CA VAL B 250 24.71 0.60 -6.37
C VAL B 250 23.91 1.79 -6.91
N PHE B 251 23.63 1.82 -8.20
CA PHE B 251 22.88 2.92 -8.86
C PHE B 251 21.40 2.86 -8.47
N PHE B 252 20.86 4.01 -8.08
CA PHE B 252 19.41 4.31 -8.02
C PHE B 252 19.10 5.44 -9.00
N PRO B 253 18.12 5.29 -9.93
CA PRO B 253 17.72 6.40 -10.80
C PRO B 253 17.05 7.51 -9.99
N PRO B 254 16.92 8.73 -10.56
CA PRO B 254 16.42 9.89 -9.82
C PRO B 254 14.97 9.75 -9.32
N GLU B 255 14.16 8.99 -10.06
CA GLU B 255 12.74 8.69 -9.75
C GLU B 255 12.61 7.57 -8.69
N ALA B 256 13.73 7.00 -8.23
CA ALA B 256 13.79 5.95 -7.18
C ALA B 256 14.56 6.50 -5.99
N GLN B 257 14.34 7.77 -5.69
CA GLN B 257 15.05 8.53 -4.63
C GLN B 257 14.74 7.89 -3.27
N ASN B 258 13.63 7.14 -3.14
CA ASN B 258 13.22 6.54 -1.83
C ASN B 258 13.45 5.03 -1.82
N ASP B 259 14.09 4.51 -2.86
CA ASP B 259 14.34 3.06 -3.00
C ASP B 259 15.59 2.67 -2.21
N PHE B 260 15.72 1.39 -1.90
CA PHE B 260 16.86 0.82 -1.12
C PHE B 260 16.88 -0.69 -1.32
N PRO B 261 18.02 -1.36 -1.06
CA PRO B 261 18.12 -2.83 -1.21
C PRO B 261 17.26 -3.54 -0.16
N VAL B 262 16.63 -4.66 -0.54
CA VAL B 262 15.80 -5.48 0.40
C VAL B 262 16.20 -6.96 0.36
N ALA B 263 16.83 -7.46 -0.69
CA ALA B 263 17.11 -8.91 -0.76
C ALA B 263 18.37 -9.16 -1.58
N MET B 264 19.08 -10.20 -1.19
CA MET B 264 20.34 -10.63 -1.84
C MET B 264 20.36 -12.14 -1.79
N GLN B 265 20.64 -12.78 -2.93
CA GLN B 265 21.02 -14.19 -2.98
C GLN B 265 22.29 -14.26 -3.84
N ILE B 266 23.20 -15.17 -3.54
CA ILE B 266 24.46 -15.36 -4.30
C ILE B 266 24.40 -16.73 -4.92
N SER B 267 24.60 -16.82 -6.23
CA SER B 267 24.74 -18.09 -6.98
C SER B 267 26.17 -18.57 -6.80
N GLU B 268 26.40 -19.74 -6.21
CA GLU B 268 27.79 -20.26 -6.14
C GLU B 268 28.05 -21.09 -7.40
N LYS B 269 27.01 -21.40 -8.18
CA LYS B 269 27.21 -22.03 -9.51
C LYS B 269 27.84 -21.01 -10.46
N HIS B 270 27.40 -19.76 -10.40
CA HIS B 270 27.81 -18.70 -11.36
C HIS B 270 28.68 -17.64 -10.68
N ASP B 271 28.82 -17.67 -9.35
CA ASP B 271 29.57 -16.63 -8.60
C ASP B 271 29.05 -15.24 -9.00
N VAL B 272 27.73 -15.07 -8.94
CA VAL B 272 27.11 -13.73 -9.11
C VAL B 272 26.24 -13.41 -7.90
N VAL B 273 26.06 -12.11 -7.68
CA VAL B 273 25.21 -11.56 -6.60
C VAL B 273 23.95 -10.99 -7.26
N PHE B 274 22.77 -11.51 -6.89
CA PHE B 274 21.44 -10.95 -7.22
C PHE B 274 21.02 -10.03 -6.08
N LEU B 275 20.74 -8.77 -6.41
CA LEU B 275 20.26 -7.75 -5.45
C LEU B 275 18.90 -7.27 -5.96
N ILE B 276 17.93 -7.23 -5.07
CA ILE B 276 16.57 -6.72 -5.38
C ILE B 276 16.32 -5.53 -4.46
N THR B 277 15.75 -4.47 -5.02
CA THR B 277 15.41 -3.24 -4.28
C THR B 277 13.93 -3.33 -3.85
N LYS B 278 13.58 -2.58 -2.83
CA LYS B 278 12.21 -2.43 -2.30
C LYS B 278 11.24 -2.22 -3.46
N TYR B 279 11.58 -1.37 -4.43
CA TYR B 279 10.61 -0.90 -5.45
C TYR B 279 10.88 -1.58 -6.80
N GLY B 280 11.38 -2.81 -6.82
CA GLY B 280 11.21 -3.71 -7.97
C GLY B 280 12.39 -3.75 -8.93
N TYR B 281 13.55 -3.18 -8.59
CA TYR B 281 14.75 -3.27 -9.47
C TYR B 281 15.58 -4.50 -9.10
N ILE B 282 16.12 -5.14 -10.12
CA ILE B 282 17.02 -6.31 -10.03
C ILE B 282 18.41 -5.86 -10.49
N HIS B 283 19.46 -6.24 -9.76
CA HIS B 283 20.88 -5.99 -10.14
C HIS B 283 21.63 -7.32 -10.09
N LEU B 284 22.60 -7.48 -10.97
CA LEU B 284 23.48 -8.66 -11.02
C LEU B 284 24.92 -8.15 -10.91
N TYR B 285 25.69 -8.65 -9.94
CA TYR B 285 27.12 -8.28 -9.75
C TYR B 285 27.98 -9.54 -9.80
N ASP B 286 29.21 -9.41 -10.30
CA ASP B 286 30.23 -10.47 -10.23
C ASP B 286 30.67 -10.53 -8.76
N LEU B 287 30.67 -11.72 -8.16
CA LEU B 287 31.06 -11.95 -6.73
C LEU B 287 32.54 -11.63 -6.56
N GLU B 288 33.35 -11.96 -7.58
CA GLU B 288 34.82 -11.88 -7.48
C GLU B 288 35.25 -10.41 -7.47
N THR B 289 34.73 -9.60 -8.39
CA THR B 289 35.20 -8.20 -8.64
C THR B 289 34.18 -7.17 -8.19
N GLY B 290 32.91 -7.54 -8.07
CA GLY B 290 31.82 -6.60 -7.76
C GLY B 290 31.35 -5.83 -9.01
N THR B 291 31.85 -6.19 -10.20
CA THR B 291 31.43 -5.50 -11.45
C THR B 291 29.93 -5.66 -11.60
N CYS B 292 29.18 -4.56 -11.73
CA CYS B 292 27.77 -4.58 -12.14
C CYS B 292 27.65 -5.17 -13.55
N ILE B 293 26.88 -6.25 -13.68
CA ILE B 293 26.67 -6.96 -14.97
C ILE B 293 25.40 -6.43 -15.64
N TYR B 294 24.40 -6.11 -14.85
CA TYR B 294 23.04 -5.86 -15.38
C TYR B 294 22.17 -5.27 -14.29
N MET B 295 21.23 -4.45 -14.74
CA MET B 295 20.19 -3.78 -13.94
C MET B 295 18.92 -3.70 -14.77
N ASN B 296 17.77 -3.75 -14.13
CA ASN B 296 16.46 -3.62 -14.78
C ASN B 296 15.37 -3.56 -13.71
N ARG B 297 14.21 -3.07 -14.09
CA ARG B 297 12.98 -3.12 -13.27
C ARG B 297 12.33 -4.47 -13.56
N ILE B 298 12.04 -5.25 -12.54
CA ILE B 298 11.00 -6.30 -12.64
C ILE B 298 9.63 -5.60 -12.64
N SER B 299 9.32 -4.96 -11.50
CA SER B 299 7.95 -4.50 -11.13
C SER B 299 8.00 -3.09 -10.51
N GLY B 300 6.83 -2.46 -10.41
CA GLY B 300 6.58 -1.40 -9.43
C GLY B 300 6.38 -2.03 -8.07
N GLU B 301 5.99 -3.32 -8.06
CA GLU B 301 5.62 -4.17 -6.89
C GLU B 301 6.85 -4.57 -6.04
N THR B 302 6.76 -4.38 -4.72
CA THR B 302 7.73 -4.90 -3.72
C THR B 302 7.65 -6.45 -3.62
N ILE B 303 8.78 -7.11 -3.92
CA ILE B 303 9.08 -8.54 -3.63
C ILE B 303 9.56 -8.61 -2.18
N PHE B 304 8.76 -9.18 -1.27
CA PHE B 304 8.89 -8.97 0.20
C PHE B 304 9.54 -10.20 0.86
N VAL B 305 9.75 -11.26 0.08
CA VAL B 305 10.39 -12.50 0.58
C VAL B 305 11.06 -13.15 -0.63
N THR B 306 12.29 -13.62 -0.44
CA THR B 306 13.07 -14.38 -1.45
C THR B 306 13.81 -15.55 -0.80
N ALA B 307 14.21 -16.48 -1.64
CA ALA B 307 14.98 -17.70 -1.33
C ALA B 307 15.84 -17.99 -2.56
N PRO B 308 16.86 -18.84 -2.39
CA PRO B 308 17.57 -19.41 -3.52
C PRO B 308 16.57 -20.18 -4.38
N HIS B 309 16.76 -20.13 -5.69
CA HIS B 309 16.07 -21.01 -6.66
C HIS B 309 17.07 -22.08 -7.06
N GLU B 310 17.00 -23.22 -6.39
CA GLU B 310 17.98 -24.32 -6.50
C GLU B 310 18.17 -24.72 -7.98
N ALA B 311 17.09 -24.88 -8.73
CA ALA B 311 17.10 -25.44 -10.10
C ALA B 311 17.99 -24.60 -11.05
N THR B 312 17.92 -23.26 -10.95
CA THR B 312 18.59 -22.28 -11.84
C THR B 312 19.78 -21.62 -11.13
N ALA B 313 20.08 -22.01 -9.90
CA ALA B 313 21.05 -21.30 -9.03
C ALA B 313 20.74 -19.79 -9.04
N GLY B 314 19.45 -19.43 -8.98
CA GLY B 314 18.93 -18.07 -9.04
C GLY B 314 18.24 -17.64 -7.76
N ILE B 315 17.25 -16.76 -7.88
CA ILE B 315 16.54 -16.17 -6.73
C ILE B 315 15.07 -16.25 -7.06
N ILE B 316 14.24 -16.61 -6.09
CA ILE B 316 12.77 -16.71 -6.25
C ILE B 316 12.16 -15.86 -5.15
N GLY B 317 10.99 -15.29 -5.45
CA GLY B 317 10.37 -14.33 -4.55
C GLY B 317 8.90 -14.27 -4.81
N VAL B 318 8.20 -13.64 -3.88
CA VAL B 318 6.74 -13.40 -3.96
C VAL B 318 6.55 -11.90 -3.80
N ASN B 319 5.71 -11.29 -4.65
CA ASN B 319 5.36 -9.85 -4.51
C ASN B 319 3.96 -9.75 -3.90
N ARG B 320 3.50 -8.53 -3.60
CA ARG B 320 2.26 -8.25 -2.85
C ARG B 320 1.05 -8.70 -3.68
N LYS B 321 1.19 -8.84 -5.00
CA LYS B 321 0.12 -9.37 -5.89
C LYS B 321 -0.03 -10.90 -5.72
N GLY B 322 1.01 -11.57 -5.22
CA GLY B 322 1.03 -13.04 -5.10
C GLY B 322 1.65 -13.68 -6.32
N GLN B 323 2.37 -12.91 -7.13
CA GLN B 323 3.15 -13.50 -8.24
C GLN B 323 4.42 -14.14 -7.65
N VAL B 324 4.65 -15.40 -7.97
CA VAL B 324 5.86 -16.13 -7.55
C VAL B 324 6.78 -16.10 -8.76
N LEU B 325 7.87 -15.35 -8.66
CA LEU B 325 8.79 -15.22 -9.81
C LEU B 325 10.23 -15.44 -9.40
N SER B 326 10.98 -15.94 -10.38
CA SER B 326 12.40 -16.30 -10.27
C SER B 326 13.18 -15.53 -11.34
N VAL B 327 14.42 -15.23 -11.01
CA VAL B 327 15.44 -14.62 -11.87
C VAL B 327 16.68 -15.49 -11.73
N CYS B 328 17.27 -15.87 -12.85
CA CYS B 328 18.54 -16.61 -12.85
C CYS B 328 19.40 -16.09 -14.00
N VAL B 329 20.65 -16.52 -14.01
CA VAL B 329 21.60 -16.32 -15.13
C VAL B 329 21.03 -17.06 -16.34
N GLU B 330 20.97 -16.38 -17.49
CA GLU B 330 20.71 -17.04 -18.80
C GLU B 330 22.07 -17.55 -19.28
N GLU B 331 22.33 -18.84 -19.11
CA GLU B 331 23.68 -19.44 -19.31
C GLU B 331 24.13 -19.30 -20.77
N GLU B 332 23.21 -19.06 -21.70
CA GLU B 332 23.49 -18.99 -23.16
C GLU B 332 23.95 -17.59 -23.56
N ASN B 333 23.46 -16.57 -22.87
CA ASN B 333 23.59 -15.15 -23.24
C ASN B 333 24.62 -14.43 -22.39
N ILE B 334 24.89 -14.89 -21.16
CA ILE B 334 25.63 -14.04 -20.19
C ILE B 334 26.99 -13.71 -20.77
N ILE B 335 27.69 -14.68 -21.37
CA ILE B 335 29.07 -14.40 -21.88
C ILE B 335 29.00 -13.49 -23.11
N PRO B 336 28.21 -13.79 -24.17
CA PRO B 336 28.03 -12.82 -25.26
C PRO B 336 27.61 -11.42 -24.77
N TYR B 337 26.71 -11.35 -23.79
CA TYR B 337 26.18 -10.07 -23.23
C TYR B 337 27.33 -9.24 -22.65
N ILE B 338 28.22 -9.88 -21.89
CA ILE B 338 29.32 -9.17 -21.18
C ILE B 338 30.37 -8.72 -22.21
N THR B 339 30.69 -9.57 -23.19
CA THR B 339 31.64 -9.26 -24.29
C THR B 339 31.09 -8.08 -25.09
N ASN B 340 29.86 -8.19 -25.59
CA ASN B 340 29.33 -7.30 -26.67
C ASN B 340 28.62 -6.10 -26.04
N VAL B 341 27.62 -6.32 -25.19
CA VAL B 341 26.80 -5.20 -24.63
C VAL B 341 27.63 -4.45 -23.58
N LEU B 342 28.29 -5.13 -22.64
CA LEU B 342 29.13 -4.47 -21.61
C LEU B 342 30.50 -4.11 -22.17
N GLN B 343 30.92 -4.78 -23.26
CA GLN B 343 32.26 -4.56 -23.86
C GLN B 343 33.33 -4.86 -22.81
N ASN B 344 33.23 -6.02 -22.16
CA ASN B 344 34.14 -6.41 -21.06
C ASN B 344 34.59 -7.85 -21.34
N PRO B 345 35.34 -8.07 -22.44
CA PRO B 345 35.79 -9.42 -22.80
C PRO B 345 36.68 -10.03 -21.69
N ASP B 346 37.36 -9.18 -20.90
CA ASP B 346 38.18 -9.64 -19.76
C ASP B 346 37.29 -10.39 -18.76
N LEU B 347 36.22 -9.74 -18.29
CA LEU B 347 35.23 -10.36 -17.38
C LEU B 347 34.56 -11.52 -18.09
N ALA B 348 34.14 -11.32 -19.32
CA ALA B 348 33.43 -12.36 -20.11
C ALA B 348 34.26 -13.64 -20.08
N LEU B 349 35.56 -13.54 -20.31
CA LEU B 349 36.45 -14.73 -20.46
C LEU B 349 36.69 -15.37 -19.09
N ARG B 350 36.97 -14.55 -18.07
CA ARG B 350 37.09 -15.01 -16.66
C ARG B 350 35.86 -15.86 -16.28
N MET B 351 34.65 -15.32 -16.44
CA MET B 351 33.39 -15.98 -16.03
C MET B 351 33.19 -17.24 -16.86
N ALA B 352 33.57 -17.20 -18.13
CA ALA B 352 33.38 -18.34 -19.05
C ALA B 352 34.10 -19.58 -18.49
N VAL B 353 35.36 -19.46 -18.08
CA VAL B 353 36.19 -20.61 -17.62
C VAL B 353 35.91 -20.89 -16.15
N ARG B 354 35.71 -19.85 -15.33
CA ARG B 354 35.44 -19.95 -13.87
C ARG B 354 34.18 -20.78 -13.64
N ASN B 355 33.12 -20.56 -14.41
CA ASN B 355 31.80 -21.19 -14.15
C ASN B 355 31.36 -22.03 -15.35
N ASN B 356 32.31 -22.42 -16.21
CA ASN B 356 32.09 -23.39 -17.31
C ASN B 356 30.87 -22.99 -18.16
N LEU B 357 30.88 -21.77 -18.71
CA LEU B 357 29.80 -21.20 -19.55
C LEU B 357 30.30 -21.07 -20.99
N ALA B 358 29.39 -21.02 -21.96
CA ALA B 358 29.66 -21.01 -23.42
C ALA B 358 29.59 -19.58 -23.97
N GLY B 359 30.43 -19.27 -24.96
CA GLY B 359 30.36 -18.02 -25.77
C GLY B 359 31.62 -17.17 -25.71
N ALA B 360 32.70 -17.62 -25.07
CA ALA B 360 34.02 -16.92 -25.04
C ALA B 360 35.03 -17.64 -25.95
N GLU B 361 34.49 -18.52 -26.82
CA GLU B 361 35.15 -19.14 -28.02
C GLU B 361 35.53 -18.03 -29.01
N GLU B 362 34.56 -17.11 -29.26
CA GLU B 362 34.72 -15.88 -30.07
C GLU B 362 34.49 -14.66 -29.17
N LEU B 363 35.42 -13.68 -29.19
CA LEU B 363 35.36 -12.44 -28.35
C LEU B 363 35.60 -11.22 -29.24
N ALA C 4 -35.28 37.48 -17.74
CA ALA C 4 -35.29 36.64 -16.48
C ALA C 4 -34.72 37.46 -15.31
N ALA C 5 -35.54 37.69 -14.27
CA ALA C 5 -35.18 38.45 -13.05
C ALA C 5 -34.03 37.71 -12.36
N ASP C 6 -33.20 38.45 -11.63
CA ASP C 6 -32.14 37.92 -10.74
C ASP C 6 -32.74 36.95 -9.72
N LEU C 7 -32.06 35.83 -9.39
CA LEU C 7 -32.56 34.79 -8.46
C LEU C 7 -32.12 35.15 -7.06
N ILE C 8 -31.39 36.26 -6.92
CA ILE C 8 -30.96 36.77 -5.59
C ILE C 8 -31.10 38.29 -5.58
N ASP C 9 -31.47 38.83 -4.43
CA ASP C 9 -31.65 40.27 -4.18
C ASP C 9 -30.52 40.74 -3.26
N PHE C 10 -29.75 41.71 -3.72
CA PHE C 10 -28.62 42.25 -2.94
C PHE C 10 -29.02 43.56 -2.25
N SER C 11 -30.20 44.09 -2.60
CA SER C 11 -30.71 45.36 -2.04
C SER C 11 -30.72 45.35 -0.51
N ALA D 4 0.91 -26.62 26.21
CA ALA D 4 0.64 -28.07 25.96
C ALA D 4 -0.03 -28.26 24.59
N ALA D 5 -1.15 -27.57 24.30
CA ALA D 5 -1.97 -27.89 23.11
C ALA D 5 -1.12 -27.70 21.85
N ASP D 6 -1.32 -28.58 20.86
CA ASP D 6 -0.65 -28.46 19.55
C ASP D 6 -1.10 -27.17 18.86
N LEU D 7 -0.17 -26.48 18.22
CA LEU D 7 -0.45 -25.20 17.49
C LEU D 7 -1.09 -25.48 16.13
N ILE D 8 -1.21 -26.75 15.72
CA ILE D 8 -1.75 -27.17 14.40
C ILE D 8 -2.61 -28.40 14.67
N ASP D 9 -3.68 -28.56 13.89
CA ASP D 9 -4.66 -29.67 13.96
C ASP D 9 -4.60 -30.45 12.65
N PHE D 10 -4.33 -31.76 12.70
CA PHE D 10 -4.22 -32.62 11.49
C PHE D 10 -5.51 -33.46 11.26
N SER D 11 -6.54 -33.31 12.09
CA SER D 11 -7.89 -33.95 11.96
C SER D 11 -8.53 -33.60 10.60
N VAL D 12 -9.41 -34.48 10.11
CA VAL D 12 -10.25 -34.29 8.89
C VAL D 12 -11.56 -35.05 9.08
O1 PG4 E . -14.14 9.03 19.49
C1 PG4 E . -15.27 8.59 20.24
C2 PG4 E . -16.54 8.74 19.47
O2 PG4 E . -16.91 10.12 19.39
C3 PG4 E . -16.47 10.77 18.20
C4 PG4 E . -16.35 12.24 18.46
O3 PG4 E . -17.45 12.93 17.87
C5 PG4 E . -17.22 14.31 17.61
C6 PG4 E . -17.25 15.12 18.89
O4 PG4 E . -16.62 16.39 18.71
C7 PG4 E . -15.69 16.73 19.73
C8 PG4 E . -14.30 16.29 19.35
O5 PG4 E . -13.65 15.54 20.37
#